data_3U5R
#
_entry.id   3U5R
#
_cell.length_a   55.657
_cell.length_b   58.567
_cell.length_c   85.476
_cell.angle_alpha   82.65
_cell.angle_beta   83.58
_cell.angle_gamma   66.29
#
_symmetry.space_group_name_H-M   'P 1'
#
loop_
_entity.id
_entity.type
_entity.pdbx_description
1 polymer 'uncharacterized protein'
2 water water
#
_entity_poly.entity_id   1
_entity_poly.type   'polypeptide(L)'
_entity_poly.pdbx_seq_one_letter_code
;MHHHHHHSSGVDLGTENLYFQSMMPKTQSNSITLGTRAADFVLPDAGGNLFTLAEFKDSPALLVAFISNRCPFVVLIREA
LAKFAGDYAGQGLAVVAINSNDAQAFPEETLERVGAEVKAYGYGFPYLKDASQSVAKAYGAACTPDFFLYDRERRLVYHG
QFDDARPGNGKDVTGADLRAAVDAVLKGKDVGTTQVPSIGCNIKWTAGNEPSWFPTAA
;
_entity_poly.pdbx_strand_id   E,F,G,H
#
# COMPACT_ATOMS: atom_id res chain seq x y z
N LYS A 26 1.90 33.72 -26.84
CA LYS A 26 1.26 32.42 -26.41
C LYS A 26 1.16 31.44 -27.58
N THR A 27 1.57 30.16 -27.40
CA THR A 27 1.37 29.08 -28.40
C THR A 27 1.17 27.77 -27.68
N GLN A 28 0.61 26.81 -28.44
CA GLN A 28 0.46 25.43 -28.03
C GLN A 28 1.72 24.66 -28.36
N SER A 29 1.95 23.58 -27.62
CA SER A 29 3.05 22.68 -27.96
C SER A 29 2.76 22.12 -29.37
N ASN A 30 3.82 21.68 -30.04
CA ASN A 30 3.70 20.97 -31.32
C ASN A 30 3.08 19.58 -31.24
N SER A 31 2.54 19.07 -32.36
CA SER A 31 2.13 17.65 -32.51
C SER A 31 3.33 16.83 -32.85
N ILE A 32 3.86 16.19 -31.85
CA ILE A 32 5.05 15.41 -32.04
C ILE A 32 4.55 14.00 -31.98
N THR A 33 5.05 13.19 -32.89
CA THR A 33 4.55 11.84 -33.00
C THR A 33 4.95 10.99 -31.79
N LEU A 34 4.00 10.32 -31.15
CA LEU A 34 4.39 9.41 -30.07
C LEU A 34 5.35 8.29 -30.58
N GLY A 35 6.33 7.92 -29.73
CA GLY A 35 7.32 6.93 -30.09
C GLY A 35 8.65 7.54 -30.45
N THR A 36 8.67 8.84 -30.74
CA THR A 36 9.87 9.48 -31.17
C THR A 36 10.92 9.27 -30.06
N ARG A 37 12.16 8.98 -30.45
CA ARG A 37 13.26 8.85 -29.46
C ARG A 37 13.64 10.22 -28.83
N ALA A 38 14.01 10.21 -27.56
CA ALA A 38 14.51 11.39 -26.87
C ALA A 38 15.87 11.74 -27.51
N ALA A 39 16.05 12.99 -27.90
CA ALA A 39 17.29 13.38 -28.52
C ALA A 39 18.33 13.55 -27.41
N ASP A 40 19.59 13.25 -27.72
CA ASP A 40 20.62 13.34 -26.74
C ASP A 40 21.05 14.82 -26.61
N PHE A 41 21.66 15.19 -25.48
CA PHE A 41 22.09 16.58 -25.33
C PHE A 41 23.27 16.57 -24.39
N VAL A 42 23.95 17.69 -24.27
CA VAL A 42 24.89 17.92 -23.18
C VAL A 42 24.63 19.35 -22.73
N LEU A 43 24.30 19.56 -21.45
CA LEU A 43 23.83 20.90 -21.05
C LEU A 43 24.28 21.15 -19.61
N PRO A 44 24.51 22.41 -19.24
CA PRO A 44 25.13 22.68 -17.97
C PRO A 44 24.06 23.15 -16.94
N ASP A 45 24.30 22.89 -15.66
CA ASP A 45 23.55 23.51 -14.59
C ASP A 45 24.29 24.76 -14.10
N ALA A 46 23.75 25.43 -13.08
CA ALA A 46 24.30 26.80 -12.82
C ALA A 46 25.62 26.69 -12.07
N GLY A 47 25.96 25.47 -11.60
CA GLY A 47 27.34 25.26 -11.14
C GLY A 47 28.35 24.84 -12.22
N GLY A 48 27.89 24.59 -13.42
CA GLY A 48 28.76 24.08 -14.47
C GLY A 48 28.78 22.56 -14.67
N ASN A 49 28.03 21.81 -13.85
CA ASN A 49 28.01 20.35 -13.99
C ASN A 49 27.30 20.10 -15.29
N LEU A 50 27.77 19.13 -16.04
CA LEU A 50 27.18 18.78 -17.35
C LEU A 50 26.33 17.49 -17.33
N PHE A 51 25.20 17.50 -18.05
CA PHE A 51 24.28 16.35 -18.04
C PHE A 51 23.97 15.96 -19.45
N THR A 52 23.89 14.63 -19.68
CA THR A 52 23.51 14.06 -20.96
C THR A 52 22.42 13.02 -20.62
N LEU A 53 21.75 12.44 -21.63
CA LEU A 53 20.87 11.27 -21.37
C LEU A 53 21.47 10.14 -20.55
N ALA A 54 22.77 9.88 -20.70
CA ALA A 54 23.39 8.78 -19.98
C ALA A 54 23.32 9.01 -18.48
N GLU A 55 23.20 10.26 -18.03
CA GLU A 55 23.13 10.49 -16.59
C GLU A 55 21.80 10.05 -15.98
N PHE A 56 20.81 9.80 -16.83
CA PHE A 56 19.48 9.40 -16.30
C PHE A 56 19.15 7.99 -16.64
N LYS A 57 20.15 7.23 -17.08
CA LYS A 57 19.88 5.94 -17.76
C LYS A 57 19.16 4.91 -16.85
N ASP A 58 19.43 4.96 -15.57
CA ASP A 58 18.82 3.99 -14.68
C ASP A 58 17.37 4.29 -14.30
N SER A 59 16.81 5.46 -14.65
CA SER A 59 15.44 5.76 -14.33
C SER A 59 14.53 5.26 -15.44
N PRO A 60 13.56 4.37 -15.14
CA PRO A 60 12.67 3.86 -16.22
C PRO A 60 11.83 4.96 -16.85
N ALA A 61 11.45 6.01 -16.09
CA ALA A 61 10.77 7.13 -16.76
C ALA A 61 11.61 8.39 -16.76
N LEU A 62 11.54 9.16 -17.87
CA LEU A 62 12.31 10.40 -17.95
C LEU A 62 11.42 11.51 -18.48
N LEU A 63 11.29 12.58 -17.69
CA LEU A 63 10.57 13.75 -18.11
C LEU A 63 11.57 14.85 -18.54
N VAL A 64 11.40 15.40 -19.76
CA VAL A 64 12.22 16.51 -20.21
C VAL A 64 11.24 17.67 -20.30
N ALA A 65 11.52 18.78 -19.59
CA ALA A 65 10.54 19.85 -19.47
C ALA A 65 11.16 21.14 -19.86
N PHE A 66 10.64 21.79 -20.89
CA PHE A 66 11.17 23.10 -21.26
C PHE A 66 10.39 24.17 -20.50
N ILE A 67 11.07 24.89 -19.62
CA ILE A 67 10.38 25.88 -18.81
C ILE A 67 11.10 27.25 -18.91
N SER A 68 10.76 28.16 -18.01
CA SER A 68 11.19 29.53 -18.06
C SER A 68 11.14 30.04 -16.57
N ASN A 69 11.91 31.08 -16.28
CA ASN A 69 11.88 31.70 -14.96
C ASN A 69 10.75 32.73 -14.77
N ARG A 70 10.17 33.25 -15.84
CA ARG A 70 9.17 34.30 -15.70
C ARG A 70 7.86 34.12 -16.47
N CYS A 71 7.82 33.22 -17.46
CA CYS A 71 6.55 32.90 -18.11
C CYS A 71 5.37 32.63 -17.09
N PRO A 72 4.22 33.36 -17.15
CA PRO A 72 3.03 33.11 -16.25
C PRO A 72 2.50 31.69 -16.27
N PHE A 73 2.63 31.02 -17.39
CA PHE A 73 2.17 29.61 -17.42
C PHE A 73 3.09 28.68 -16.67
N VAL A 74 4.38 29.00 -16.62
CA VAL A 74 5.25 28.26 -15.75
C VAL A 74 5.14 28.68 -14.28
N VAL A 75 5.08 30.01 -14.02
CA VAL A 75 4.84 30.52 -12.64
C VAL A 75 3.67 29.80 -11.96
N LEU A 76 2.57 29.69 -12.70
CA LEU A 76 1.42 28.91 -12.21
C LEU A 76 1.74 27.51 -11.58
N ILE A 77 2.66 26.73 -12.17
CA ILE A 77 2.80 25.33 -11.78
C ILE A 77 4.15 25.11 -11.10
N ARG A 78 4.91 26.14 -10.80
CA ARG A 78 6.24 25.96 -10.33
C ARG A 78 6.36 25.23 -8.97
N GLU A 79 5.52 25.60 -8.04
CA GLU A 79 5.50 24.91 -6.79
C GLU A 79 5.07 23.42 -6.97
N ALA A 80 4.08 23.19 -7.80
CA ALA A 80 3.59 21.88 -8.11
C ALA A 80 4.60 21.02 -8.82
N LEU A 81 5.38 21.60 -9.68
CA LEU A 81 6.37 20.84 -10.39
C LEU A 81 7.47 20.35 -9.45
N ALA A 82 7.91 21.23 -8.52
CA ALA A 82 8.94 20.84 -7.58
C ALA A 82 8.37 19.73 -6.68
N LYS A 83 7.10 19.86 -6.28
CA LYS A 83 6.46 18.83 -5.47
C LYS A 83 6.34 17.47 -6.24
N PHE A 84 5.84 17.57 -7.47
CA PHE A 84 5.73 16.40 -8.37
C PHE A 84 7.07 15.69 -8.50
N ALA A 85 8.10 16.43 -8.93
CA ALA A 85 9.40 15.75 -9.13
C ALA A 85 9.87 15.08 -7.82
N GLY A 86 9.77 15.80 -6.68
CA GLY A 86 10.14 15.24 -5.37
C GLY A 86 9.31 14.00 -5.03
N ASP A 87 8.02 14.04 -5.28
CA ASP A 87 7.15 12.92 -4.96
C ASP A 87 7.66 11.63 -5.64
N TYR A 88 8.13 11.76 -6.89
CA TYR A 88 8.53 10.58 -7.68
C TYR A 88 10.02 10.21 -7.61
N ALA A 89 10.79 11.07 -6.94
CA ALA A 89 12.26 10.83 -6.83
C ALA A 89 12.44 9.54 -6.03
N GLY A 90 13.06 8.54 -6.61
CA GLY A 90 13.13 7.29 -5.86
C GLY A 90 12.07 6.28 -6.29
N GLN A 91 11.07 6.71 -7.08
CA GLN A 91 10.08 5.77 -7.63
C GLN A 91 10.42 5.36 -9.08
N GLY A 92 11.39 6.06 -9.67
CA GLY A 92 11.91 5.67 -10.95
C GLY A 92 11.72 6.76 -12.00
N LEU A 93 11.22 7.94 -11.61
CA LEU A 93 11.17 9.07 -12.54
C LEU A 93 12.41 9.98 -12.41
N ALA A 94 13.09 10.26 -13.53
CA ALA A 94 14.05 11.32 -13.63
C ALA A 94 13.38 12.53 -14.28
N VAL A 95 13.63 13.72 -13.75
CA VAL A 95 13.12 14.96 -14.36
C VAL A 95 14.28 15.80 -14.76
N VAL A 96 14.25 16.31 -16.00
CA VAL A 96 15.27 17.30 -16.39
C VAL A 96 14.55 18.47 -16.91
N ALA A 97 14.83 19.67 -16.37
CA ALA A 97 14.27 20.88 -16.89
C ALA A 97 15.26 21.69 -17.68
N ILE A 98 14.81 22.42 -18.71
CA ILE A 98 15.72 23.11 -19.62
C ILE A 98 15.14 24.51 -19.90
N ASN A 99 15.97 25.53 -19.78
CA ASN A 99 15.53 26.87 -20.10
C ASN A 99 16.25 27.20 -21.40
N SER A 100 15.52 27.26 -22.51
CA SER A 100 16.15 27.57 -23.80
C SER A 100 15.93 29.00 -24.24
N ASN A 101 15.38 29.83 -23.35
CA ASN A 101 15.03 31.17 -23.76
C ASN A 101 16.27 32.10 -23.91
N ASP A 102 16.21 32.98 -24.91
CA ASP A 102 17.33 33.86 -25.22
C ASP A 102 17.55 34.88 -24.09
N ALA A 103 18.68 34.75 -23.38
CA ALA A 103 18.79 35.47 -22.14
C ALA A 103 19.39 36.88 -22.35
N GLN A 104 19.84 37.18 -23.57
CA GLN A 104 20.24 38.56 -23.94
C GLN A 104 18.94 39.35 -24.04
N ALA A 105 17.97 38.82 -24.82
CA ALA A 105 16.65 39.46 -24.93
C ALA A 105 15.85 39.42 -23.62
N PHE A 106 15.99 38.32 -22.84
CA PHE A 106 15.27 38.16 -21.57
C PHE A 106 16.22 37.82 -20.44
N PRO A 107 16.80 38.86 -19.81
CA PRO A 107 17.86 38.73 -18.78
C PRO A 107 17.42 37.91 -17.60
N GLU A 108 16.12 37.80 -17.37
CA GLU A 108 15.62 36.98 -16.26
C GLU A 108 15.82 35.45 -16.56
N GLU A 109 16.29 35.12 -17.79
CA GLU A 109 16.47 33.71 -18.28
C GLU A 109 17.93 33.27 -18.30
N THR A 110 18.82 34.05 -17.69
CA THR A 110 20.25 33.63 -17.62
C THR A 110 20.48 32.32 -16.78
N LEU A 111 21.57 31.63 -17.11
CA LEU A 111 22.01 30.48 -16.32
C LEU A 111 22.08 30.87 -14.81
N GLU A 112 22.56 32.06 -14.52
CA GLU A 112 22.66 32.51 -13.15
C GLU A 112 21.28 32.58 -12.49
N ARG A 113 20.30 33.12 -13.21
CA ARG A 113 18.91 33.16 -12.78
C ARG A 113 18.31 31.74 -12.65
N VAL A 114 18.67 30.87 -13.56
CA VAL A 114 18.23 29.52 -13.48
C VAL A 114 18.71 28.95 -12.16
N GLY A 115 19.98 29.19 -11.82
CA GLY A 115 20.50 28.77 -10.51
C GLY A 115 19.76 29.39 -9.31
N ALA A 116 19.42 30.67 -9.41
CA ALA A 116 18.65 31.28 -8.33
C ALA A 116 17.22 30.62 -8.31
N GLU A 117 16.61 30.33 -9.47
CA GLU A 117 15.26 29.66 -9.41
C GLU A 117 15.29 28.36 -8.64
N VAL A 118 16.33 27.53 -8.86
CA VAL A 118 16.45 26.26 -8.18
C VAL A 118 16.38 26.45 -6.64
N LYS A 119 17.19 27.36 -6.11
CA LYS A 119 17.20 27.59 -4.63
C LYS A 119 15.87 28.18 -4.17
N ALA A 120 15.31 29.12 -4.92
CA ALA A 120 14.11 29.85 -4.44
C ALA A 120 12.89 28.94 -4.42
N TYR A 121 12.79 28.02 -5.39
CA TYR A 121 11.61 27.17 -5.47
C TYR A 121 11.84 25.70 -5.09
N GLY A 122 13.03 25.38 -4.63
CA GLY A 122 13.30 24.03 -4.09
C GLY A 122 13.34 22.94 -5.20
N TYR A 123 13.82 23.29 -6.39
CA TYR A 123 13.80 22.29 -7.48
C TYR A 123 14.83 21.19 -7.15
N GLY A 124 14.37 19.97 -6.91
CA GLY A 124 15.28 18.87 -6.71
C GLY A 124 15.89 18.29 -8.01
N PHE A 125 15.32 18.62 -9.14
CA PHE A 125 15.76 18.05 -10.45
C PHE A 125 16.78 18.99 -11.10
N PRO A 126 17.63 18.45 -11.97
CA PRO A 126 18.51 19.39 -12.63
C PRO A 126 17.73 20.41 -13.55
N TYR A 127 18.12 21.69 -13.48
CA TYR A 127 17.53 22.72 -14.28
C TYR A 127 18.66 23.35 -15.05
N LEU A 128 18.64 23.15 -16.35
CA LEU A 128 19.82 23.41 -17.18
C LEU A 128 19.59 24.51 -18.16
N LYS A 129 20.66 25.16 -18.60
CA LYS A 129 20.52 26.19 -19.64
C LYS A 129 20.85 25.66 -21.03
N ASP A 130 19.94 25.86 -22.03
CA ASP A 130 20.20 25.47 -23.47
C ASP A 130 20.52 26.75 -24.29
N ALA A 131 21.74 27.29 -24.11
CA ALA A 131 22.12 28.62 -24.64
C ALA A 131 22.04 28.71 -26.15
N SER A 132 22.46 27.66 -26.87
CA SER A 132 22.40 27.68 -28.34
C SER A 132 21.00 27.37 -28.91
N GLN A 133 20.10 26.89 -28.04
CA GLN A 133 18.71 26.44 -28.40
C GLN A 133 18.72 25.25 -29.30
N SER A 134 19.88 24.61 -29.48
CA SER A 134 19.90 23.38 -30.32
C SER A 134 19.05 22.25 -29.67
N VAL A 135 19.03 22.15 -28.34
CA VAL A 135 18.21 21.08 -27.75
C VAL A 135 16.69 21.38 -27.90
N ALA A 136 16.22 22.58 -27.59
CA ALA A 136 14.83 22.91 -27.81
C ALA A 136 14.44 22.56 -29.28
N LYS A 137 15.32 22.90 -30.22
CA LYS A 137 15.03 22.58 -31.64
C LYS A 137 15.00 21.10 -31.96
N ALA A 138 15.92 20.31 -31.37
CA ALA A 138 15.91 18.85 -31.59
C ALA A 138 14.68 18.15 -30.98
N TYR A 139 14.16 18.65 -29.84
CA TYR A 139 12.95 18.04 -29.21
C TYR A 139 11.70 18.53 -29.90
N GLY A 140 11.83 19.65 -30.62
CA GLY A 140 10.69 20.34 -31.21
C GLY A 140 9.79 20.97 -30.14
N ALA A 141 10.40 21.51 -29.08
CA ALA A 141 9.73 22.39 -28.13
C ALA A 141 9.28 23.70 -28.79
N ALA A 142 8.10 24.15 -28.42
CA ALA A 142 7.54 25.40 -28.98
C ALA A 142 7.19 26.45 -27.91
N CYS A 143 6.89 26.02 -26.68
CA CYS A 143 6.45 26.97 -25.65
C CYS A 143 6.94 26.52 -24.27
N THR A 144 6.70 27.35 -23.26
CA THR A 144 7.06 26.95 -21.88
C THR A 144 5.75 27.02 -21.13
N PRO A 145 5.38 25.98 -20.38
CA PRO A 145 6.11 24.75 -20.20
C PRO A 145 5.78 23.80 -21.34
N ASP A 146 6.73 22.95 -21.74
CA ASP A 146 6.49 21.90 -22.77
C ASP A 146 7.02 20.60 -22.21
N PHE A 147 6.14 19.64 -21.92
CA PHE A 147 6.55 18.42 -21.24
C PHE A 147 6.63 17.21 -22.17
N PHE A 148 7.75 16.48 -22.13
CA PHE A 148 7.92 15.29 -22.97
C PHE A 148 8.26 14.14 -22.02
N LEU A 149 7.41 13.10 -21.91
CA LEU A 149 7.70 12.00 -21.05
C LEU A 149 8.13 10.78 -21.92
N TYR A 150 9.24 10.14 -21.52
CA TYR A 150 9.81 8.96 -22.18
C TYR A 150 9.78 7.74 -21.25
N ASP A 151 9.69 6.55 -21.86
CA ASP A 151 9.75 5.30 -21.14
C ASP A 151 11.13 4.76 -21.06
N ARG A 152 11.21 3.51 -20.67
CA ARG A 152 12.46 2.80 -20.39
C ARG A 152 13.39 2.78 -21.63
N GLU A 153 12.80 2.73 -22.83
CA GLU A 153 13.65 2.75 -24.04
C GLU A 153 13.63 4.10 -24.65
N ARG A 154 13.28 5.11 -23.84
CA ARG A 154 13.37 6.49 -24.24
C ARG A 154 12.60 6.75 -25.49
N ARG A 155 11.40 6.17 -25.56
CA ARG A 155 10.47 6.52 -26.62
C ARG A 155 9.38 7.44 -26.04
N LEU A 156 8.95 8.43 -26.82
CA LEU A 156 7.97 9.42 -26.28
C LEU A 156 6.61 8.79 -26.03
N VAL A 157 6.11 8.88 -24.80
CA VAL A 157 4.82 8.30 -24.47
C VAL A 157 3.80 9.30 -24.06
N TYR A 158 4.24 10.49 -23.62
CA TYR A 158 3.23 11.52 -23.32
C TYR A 158 3.85 12.86 -23.67
N HIS A 159 3.06 13.69 -24.33
CA HIS A 159 3.47 15.02 -24.74
C HIS A 159 2.26 15.90 -24.55
N GLY A 160 2.28 16.75 -23.53
CA GLY A 160 1.13 17.65 -23.36
C GLY A 160 1.13 18.32 -21.99
N GLN A 161 -0.04 18.78 -21.61
CA GLN A 161 -0.27 19.63 -20.41
C GLN A 161 0.11 18.90 -19.12
N PHE A 162 0.50 19.68 -18.14
CA PHE A 162 0.77 19.14 -16.77
C PHE A 162 -0.59 18.72 -16.19
N ASP A 163 -1.59 19.57 -16.43
CA ASP A 163 -2.99 19.30 -16.05
C ASP A 163 -3.81 20.42 -16.66
N ASP A 164 -5.07 20.56 -16.24
CA ASP A 164 -6.03 21.43 -16.94
C ASP A 164 -5.90 22.91 -16.43
N ALA A 165 -5.06 23.17 -15.42
CA ALA A 165 -4.96 24.52 -14.85
C ALA A 165 -4.30 25.49 -15.85
N ARG A 166 -4.85 26.71 -15.90
CA ARG A 166 -4.28 27.81 -16.71
C ARG A 166 -4.34 29.09 -15.87
N PRO A 167 -3.46 30.06 -16.14
CA PRO A 167 -3.53 31.28 -15.30
C PRO A 167 -4.93 31.90 -15.39
N GLY A 168 -5.60 32.06 -14.24
CA GLY A 168 -6.90 32.75 -14.15
C GLY A 168 -8.07 31.86 -14.46
N ASN A 169 -7.84 30.55 -14.77
CA ASN A 169 -9.04 29.69 -15.09
C ASN A 169 -9.66 29.03 -13.88
N GLY A 170 -9.11 29.29 -12.69
CA GLY A 170 -9.76 28.80 -11.48
C GLY A 170 -9.47 27.37 -11.04
N LYS A 171 -8.86 26.54 -11.91
CA LYS A 171 -8.66 25.12 -11.62
C LYS A 171 -7.42 24.94 -10.77
N ASP A 172 -7.49 24.02 -9.83
CA ASP A 172 -6.39 23.67 -8.96
C ASP A 172 -5.22 23.12 -9.80
N VAL A 173 -4.00 23.45 -9.45
CA VAL A 173 -2.77 22.89 -10.08
C VAL A 173 -2.43 21.57 -9.34
N THR A 174 -2.71 20.46 -10.02
CA THR A 174 -2.63 19.11 -9.45
C THR A 174 -1.55 18.28 -10.14
N GLY A 175 -1.20 18.64 -11.38
CA GLY A 175 -0.32 17.76 -12.13
C GLY A 175 -0.96 16.43 -12.53
N ALA A 176 -2.28 16.31 -12.44
CA ALA A 176 -2.93 14.98 -12.60
C ALA A 176 -2.69 14.29 -13.95
N ASP A 177 -2.72 15.02 -15.06
CA ASP A 177 -2.43 14.42 -16.39
C ASP A 177 -1.03 13.79 -16.45
N LEU A 178 -0.02 14.56 -16.04
CA LEU A 178 1.35 14.03 -16.03
C LEU A 178 1.54 12.95 -15.00
N ARG A 179 0.96 13.12 -13.82
CA ARG A 179 1.02 12.07 -12.81
C ARG A 179 0.44 10.78 -13.33
N ALA A 180 -0.76 10.82 -13.90
CA ALA A 180 -1.36 9.61 -14.45
C ALA A 180 -0.44 8.94 -15.50
N ALA A 181 0.18 9.72 -16.38
CA ALA A 181 1.11 9.21 -17.41
C ALA A 181 2.36 8.55 -16.77
N VAL A 182 2.98 9.23 -15.79
CA VAL A 182 4.12 8.64 -15.08
C VAL A 182 3.77 7.32 -14.39
N ASP A 183 2.62 7.30 -13.67
CA ASP A 183 2.15 6.11 -12.99
C ASP A 183 2.00 4.93 -13.99
N ALA A 184 1.36 5.18 -15.13
CA ALA A 184 1.17 4.21 -16.17
C ALA A 184 2.56 3.70 -16.61
N VAL A 185 3.48 4.61 -16.94
CA VAL A 185 4.82 4.16 -17.37
C VAL A 185 5.49 3.30 -16.27
N LEU A 186 5.48 3.81 -15.04
CA LEU A 186 6.23 3.12 -14.00
C LEU A 186 5.59 1.73 -13.72
N LYS A 187 4.25 1.60 -13.87
CA LYS A 187 3.59 0.30 -13.69
C LYS A 187 3.63 -0.57 -14.95
N GLY A 188 4.35 -0.15 -15.98
CA GLY A 188 4.38 -0.86 -17.24
C GLY A 188 3.07 -0.85 -18.01
N LYS A 189 2.17 0.11 -17.76
CA LYS A 189 0.89 0.18 -18.50
C LYS A 189 0.89 1.22 -19.62
N ASP A 190 -0.20 1.22 -20.39
CA ASP A 190 -0.37 2.18 -21.51
C ASP A 190 -0.76 3.60 -21.02
N VAL A 191 -0.08 4.63 -21.50
CA VAL A 191 -0.47 5.99 -21.16
C VAL A 191 -1.83 6.30 -21.85
N GLY A 192 -2.72 7.06 -21.19
CA GLY A 192 -4.04 7.38 -21.79
C GLY A 192 -3.84 8.12 -23.13
N THR A 193 -4.80 7.96 -24.03
CA THR A 193 -4.63 8.46 -25.40
C THR A 193 -5.06 9.93 -25.54
N THR A 194 -5.79 10.48 -24.57
CA THR A 194 -6.11 11.92 -24.57
C THR A 194 -4.92 12.67 -24.04
N GLN A 195 -4.22 13.37 -24.93
CA GLN A 195 -3.13 14.22 -24.49
C GLN A 195 -3.41 15.63 -24.98
N VAL A 196 -3.85 16.47 -24.05
CA VAL A 196 -4.11 17.88 -24.44
C VAL A 196 -2.81 18.64 -24.57
N PRO A 197 -2.63 19.41 -25.64
CA PRO A 197 -1.39 20.14 -25.82
C PRO A 197 -1.17 21.17 -24.68
N SER A 198 0.08 21.42 -24.26
CA SER A 198 0.25 22.46 -23.26
C SER A 198 0.16 23.78 -24.00
N ILE A 199 -0.02 24.84 -23.23
CA ILE A 199 -0.05 26.21 -23.72
C ILE A 199 0.93 26.97 -22.92
N GLY A 200 1.69 27.84 -23.58
CA GLY A 200 2.50 28.80 -22.79
C GLY A 200 3.03 29.96 -23.60
N CYS A 201 3.99 30.69 -23.05
CA CYS A 201 4.73 31.64 -23.80
C CYS A 201 5.60 30.92 -24.82
N ASN A 202 5.67 31.45 -26.05
CA ASN A 202 6.63 30.87 -27.00
C ASN A 202 8.02 30.87 -26.38
N ILE A 203 8.79 29.83 -26.71
CA ILE A 203 10.23 29.84 -26.55
C ILE A 203 10.78 31.09 -27.20
N LYS A 204 11.64 31.80 -26.48
CA LYS A 204 12.17 33.03 -27.04
C LYS A 204 13.42 32.74 -27.86
N TRP A 205 13.20 32.34 -29.11
CA TRP A 205 14.26 32.03 -30.07
C TRP A 205 15.12 33.28 -30.25
N THR A 206 16.44 33.11 -30.30
CA THR A 206 17.36 34.21 -30.64
C THR A 206 17.06 34.61 -32.09
N ALA A 207 17.08 35.93 -32.41
CA ALA A 207 16.85 36.42 -33.81
C ALA A 207 17.70 35.59 -34.76
N GLY A 208 17.06 34.81 -35.64
CA GLY A 208 17.74 33.70 -36.36
C GLY A 208 17.92 32.43 -35.51
N LYS B 26 -11.29 -6.30 -6.02
CA LYS B 26 -12.17 -5.84 -4.89
C LYS B 26 -11.39 -4.98 -3.87
N THR B 27 -12.11 -4.08 -3.18
CA THR B 27 -11.60 -3.27 -2.05
C THR B 27 -12.71 -3.28 -0.99
N GLN B 28 -12.35 -3.26 0.28
CA GLN B 28 -13.27 -3.29 1.41
C GLN B 28 -13.48 -1.84 1.98
N SER B 29 -14.59 -1.56 2.67
CA SER B 29 -14.71 -0.27 3.33
C SER B 29 -13.74 -0.16 4.49
N ASN B 30 -13.43 1.06 4.90
CA ASN B 30 -12.62 1.28 6.08
C ASN B 30 -13.37 0.96 7.37
N SER B 31 -12.64 0.70 8.46
CA SER B 31 -13.23 0.56 9.77
C SER B 31 -13.37 1.95 10.32
N ILE B 32 -14.58 2.49 10.22
CA ILE B 32 -14.80 3.84 10.73
C ILE B 32 -15.53 3.72 12.09
N THR B 33 -15.15 4.56 13.04
CA THR B 33 -15.62 4.47 14.41
C THR B 33 -17.07 4.89 14.50
N LEU B 34 -17.94 4.00 14.95
CA LEU B 34 -19.36 4.36 15.05
C LEU B 34 -19.46 5.58 15.98
N GLY B 35 -20.39 6.48 15.67
CA GLY B 35 -20.53 7.72 16.47
C GLY B 35 -19.91 8.97 15.89
N THR B 36 -19.04 8.78 14.89
CA THR B 36 -18.35 9.92 14.24
C THR B 36 -19.41 10.82 13.55
N ARG B 37 -19.32 12.13 13.68
CA ARG B 37 -20.27 13.03 13.03
C ARG B 37 -20.15 13.00 11.46
N ALA B 38 -21.27 13.26 10.77
CA ALA B 38 -21.31 13.36 9.32
C ALA B 38 -20.63 14.69 8.96
N ALA B 39 -19.61 14.64 8.10
CA ALA B 39 -18.96 15.89 7.63
C ALA B 39 -19.90 16.65 6.66
N ASP B 40 -19.98 17.94 6.88
CA ASP B 40 -20.71 18.81 5.97
C ASP B 40 -20.04 18.85 4.59
N PHE B 41 -20.81 19.20 3.59
CA PHE B 41 -20.33 19.21 2.21
C PHE B 41 -21.14 20.19 1.42
N VAL B 42 -20.64 20.56 0.21
CA VAL B 42 -21.45 21.31 -0.75
C VAL B 42 -21.24 20.61 -2.07
N LEU B 43 -22.31 20.14 -2.72
CA LEU B 43 -22.17 19.29 -3.90
C LEU B 43 -23.33 19.53 -4.84
N PRO B 44 -23.01 19.58 -6.14
CA PRO B 44 -24.01 19.81 -7.18
C PRO B 44 -24.67 18.53 -7.70
N ASP B 45 -25.96 18.59 -8.05
CA ASP B 45 -26.55 17.57 -8.90
C ASP B 45 -26.35 17.96 -10.38
N ALA B 46 -26.95 17.24 -11.31
CA ALA B 46 -26.61 17.47 -12.70
C ALA B 46 -27.28 18.71 -13.27
N GLY B 47 -28.24 19.33 -12.58
CA GLY B 47 -28.85 20.61 -13.03
C GLY B 47 -28.07 21.72 -12.35
N GLY B 48 -27.03 21.40 -11.56
CA GLY B 48 -26.32 22.45 -10.82
C GLY B 48 -26.86 22.88 -9.47
N ASN B 49 -27.96 22.24 -8.98
CA ASN B 49 -28.52 22.58 -7.62
C ASN B 49 -27.53 22.05 -6.61
N LEU B 50 -27.27 22.84 -5.57
CA LEU B 50 -26.25 22.58 -4.57
C LEU B 50 -26.97 22.01 -3.29
N PHE B 51 -26.40 20.92 -2.74
CA PHE B 51 -26.89 20.27 -1.56
C PHE B 51 -25.81 20.32 -0.51
N THR B 52 -26.26 20.47 0.73
CA THR B 52 -25.46 20.44 1.92
C THR B 52 -26.23 19.55 2.91
N LEU B 53 -25.63 19.22 4.06
CA LEU B 53 -26.38 18.46 5.09
C LEU B 53 -27.67 19.16 5.47
N ALA B 54 -27.71 20.50 5.47
CA ALA B 54 -28.92 21.25 5.84
C ALA B 54 -30.12 21.01 4.92
N GLU B 55 -29.85 20.61 3.68
CA GLU B 55 -30.91 20.16 2.82
C GLU B 55 -31.67 18.94 3.36
N PHE B 56 -31.03 18.12 4.22
CA PHE B 56 -31.69 16.90 4.73
C PHE B 56 -32.11 16.94 6.20
N LYS B 57 -32.12 18.12 6.79
CA LYS B 57 -32.19 18.28 8.24
C LYS B 57 -33.53 17.85 8.80
N ASP B 58 -34.59 17.92 8.00
CA ASP B 58 -35.93 17.44 8.44
C ASP B 58 -36.08 15.91 8.57
N SER B 59 -35.13 15.15 8.03
CA SER B 59 -35.20 13.72 8.10
C SER B 59 -34.41 13.17 9.28
N PRO B 60 -35.05 12.33 10.10
CA PRO B 60 -34.35 11.71 11.24
C PRO B 60 -33.14 10.85 10.88
N ALA B 61 -33.24 10.07 9.80
CA ALA B 61 -32.16 9.20 9.36
C ALA B 61 -31.62 9.72 8.04
N LEU B 62 -30.30 9.72 7.89
CA LEU B 62 -29.68 10.12 6.63
C LEU B 62 -28.69 9.03 6.19
N LEU B 63 -28.91 8.57 4.97
CA LEU B 63 -28.01 7.64 4.35
C LEU B 63 -27.15 8.37 3.30
N VAL B 64 -25.83 8.30 3.46
CA VAL B 64 -24.89 8.85 2.49
C VAL B 64 -24.25 7.67 1.78
N ALA B 65 -24.50 7.53 0.50
CA ALA B 65 -24.01 6.34 -0.27
C ALA B 65 -23.00 6.77 -1.32
N PHE B 66 -21.76 6.23 -1.32
CA PHE B 66 -20.80 6.52 -2.41
C PHE B 66 -20.94 5.44 -3.46
N ILE B 67 -21.33 5.82 -4.66
CA ILE B 67 -21.62 4.86 -5.76
C ILE B 67 -20.91 5.20 -7.05
N SER B 68 -21.28 4.49 -8.13
CA SER B 68 -20.61 4.62 -9.41
C SER B 68 -21.65 4.34 -10.47
N ASN B 69 -21.37 4.71 -11.69
CA ASN B 69 -22.30 4.35 -12.76
C ASN B 69 -21.91 3.05 -13.48
N ARG B 70 -20.79 2.46 -13.10
CA ARG B 70 -20.16 1.39 -13.87
C ARG B 70 -19.69 0.21 -13.00
N CYS B 71 -19.29 0.44 -11.75
CA CYS B 71 -18.83 -0.66 -10.87
C CYS B 71 -19.86 -1.82 -10.84
N PRO B 72 -19.41 -3.07 -11.16
CA PRO B 72 -20.36 -4.21 -11.08
C PRO B 72 -21.05 -4.36 -9.74
N PHE B 73 -20.33 -4.11 -8.63
CA PHE B 73 -20.93 -4.20 -7.30
C PHE B 73 -22.11 -3.24 -7.15
N VAL B 74 -22.05 -2.09 -7.83
CA VAL B 74 -23.16 -1.19 -7.73
C VAL B 74 -24.23 -1.62 -8.73
N VAL B 75 -23.82 -1.96 -9.96
CA VAL B 75 -24.78 -2.42 -10.97
C VAL B 75 -25.66 -3.54 -10.37
N LEU B 76 -25.06 -4.43 -9.59
CA LEU B 76 -25.84 -5.53 -9.01
C LEU B 76 -27.02 -5.03 -8.18
N ILE B 77 -26.85 -3.89 -7.50
CA ILE B 77 -27.84 -3.40 -6.54
C ILE B 77 -28.57 -2.16 -6.98
N ARG B 78 -28.34 -1.68 -8.19
CA ARG B 78 -28.93 -0.39 -8.58
C ARG B 78 -30.43 -0.41 -8.38
N GLU B 79 -31.05 -1.37 -9.06
CA GLU B 79 -32.47 -1.61 -9.08
C GLU B 79 -33.02 -1.60 -7.66
N ALA B 80 -32.45 -2.44 -6.80
CA ALA B 80 -32.81 -2.56 -5.40
C ALA B 80 -32.54 -1.29 -4.57
N LEU B 81 -31.50 -0.54 -4.94
CA LEU B 81 -31.24 0.74 -4.25
C LEU B 81 -32.36 1.72 -4.53
N ALA B 82 -32.77 1.80 -5.79
CA ALA B 82 -33.83 2.74 -6.20
C ALA B 82 -35.17 2.41 -5.43
N LYS B 83 -35.45 1.11 -5.28
CA LYS B 83 -36.62 0.61 -4.55
C LYS B 83 -36.55 0.91 -3.09
N PHE B 84 -35.40 0.61 -2.48
CA PHE B 84 -35.15 0.83 -1.05
C PHE B 84 -35.32 2.30 -0.70
N ALA B 85 -34.74 3.18 -1.49
CA ALA B 85 -34.95 4.64 -1.28
C ALA B 85 -36.42 5.05 -1.34
N GLY B 86 -37.08 4.57 -2.40
CA GLY B 86 -38.50 4.83 -2.57
C GLY B 86 -39.33 4.29 -1.40
N ASP B 87 -39.03 3.07 -0.94
CA ASP B 87 -39.75 2.47 0.19
C ASP B 87 -39.74 3.35 1.43
N TYR B 88 -38.64 4.08 1.66
CA TYR B 88 -38.51 4.90 2.87
C TYR B 88 -38.70 6.39 2.71
N ALA B 89 -38.96 6.80 1.48
CA ALA B 89 -39.16 8.19 1.17
C ALA B 89 -40.47 8.58 1.81
N GLY B 90 -40.43 9.71 2.50
CA GLY B 90 -41.54 10.15 3.32
C GLY B 90 -41.68 9.41 4.65
N GLN B 91 -41.01 8.28 4.84
CA GLN B 91 -41.00 7.59 6.16
C GLN B 91 -39.92 8.13 7.09
N GLY B 92 -39.18 9.14 6.65
CA GLY B 92 -38.14 9.75 7.47
C GLY B 92 -36.68 9.41 7.11
N LEU B 93 -36.44 8.57 6.11
CA LEU B 93 -35.08 8.39 5.65
C LEU B 93 -34.73 9.37 4.48
N ALA B 94 -33.73 10.23 4.66
CA ALA B 94 -33.16 10.96 3.50
C ALA B 94 -32.00 10.14 2.89
N VAL B 95 -31.91 10.05 1.58
CA VAL B 95 -30.78 9.38 0.97
C VAL B 95 -30.07 10.40 0.11
N VAL B 96 -28.74 10.41 0.12
CA VAL B 96 -27.98 11.22 -0.84
C VAL B 96 -26.89 10.32 -1.36
N ALA B 97 -26.83 10.19 -2.68
CA ALA B 97 -25.78 9.37 -3.30
C ALA B 97 -24.72 10.30 -3.89
N ILE B 98 -23.46 9.89 -3.79
CA ILE B 98 -22.36 10.73 -4.24
C ILE B 98 -21.47 9.88 -5.17
N ASN B 99 -21.16 10.40 -6.35
CA ASN B 99 -20.21 9.76 -7.24
C ASN B 99 -18.84 10.55 -7.13
N SER B 100 -17.83 9.95 -6.55
CA SER B 100 -16.54 10.64 -6.38
C SER B 100 -15.50 10.18 -7.39
N ASN B 101 -15.89 9.36 -8.37
CA ASN B 101 -14.93 8.68 -9.23
C ASN B 101 -14.35 9.69 -10.29
N ASP B 102 -13.05 9.60 -10.55
CA ASP B 102 -12.35 10.48 -11.50
C ASP B 102 -12.97 10.34 -12.89
N ALA B 103 -13.63 11.39 -13.40
CA ALA B 103 -14.35 11.20 -14.67
C ALA B 103 -13.48 11.42 -15.92
N GLN B 104 -12.24 11.84 -15.75
CA GLN B 104 -11.29 11.94 -16.85
C GLN B 104 -10.81 10.52 -17.14
N ALA B 105 -10.43 9.79 -16.08
CA ALA B 105 -10.08 8.36 -16.22
C ALA B 105 -11.26 7.48 -16.53
N PHE B 106 -12.44 7.81 -16.00
CA PHE B 106 -13.64 7.02 -16.25
C PHE B 106 -14.83 7.85 -16.68
N PRO B 107 -14.95 8.10 -18.00
CA PRO B 107 -16.04 8.94 -18.57
C PRO B 107 -17.45 8.51 -18.25
N GLU B 108 -17.66 7.27 -17.83
CA GLU B 108 -19.05 6.86 -17.45
C GLU B 108 -19.45 7.59 -16.16
N GLU B 109 -18.50 8.28 -15.51
CA GLU B 109 -18.71 8.90 -14.16
C GLU B 109 -18.87 10.41 -14.18
N THR B 110 -18.98 11.00 -15.36
CA THR B 110 -19.15 12.46 -15.42
C THR B 110 -20.42 12.85 -14.72
N LEU B 111 -20.53 14.12 -14.42
CA LEU B 111 -21.75 14.70 -13.88
C LEU B 111 -22.95 14.49 -14.84
N GLU B 112 -22.75 14.74 -16.12
CA GLU B 112 -23.84 14.47 -17.08
C GLU B 112 -24.33 13.00 -17.05
N ARG B 113 -23.41 12.02 -16.94
CA ARG B 113 -23.81 10.62 -16.81
C ARG B 113 -24.52 10.28 -15.44
N VAL B 114 -24.15 11.00 -14.38
CA VAL B 114 -24.84 10.91 -13.07
C VAL B 114 -26.27 11.33 -13.25
N GLY B 115 -26.48 12.42 -13.96
CA GLY B 115 -27.89 12.82 -14.28
C GLY B 115 -28.62 11.85 -15.18
N ALA B 116 -27.94 11.30 -16.19
CA ALA B 116 -28.56 10.24 -17.01
C ALA B 116 -28.91 8.97 -16.17
N GLU B 117 -28.06 8.68 -15.18
CA GLU B 117 -28.23 7.53 -14.31
C GLU B 117 -29.58 7.64 -13.54
N VAL B 118 -29.81 8.81 -12.95
CA VAL B 118 -31.02 9.09 -12.24
C VAL B 118 -32.25 8.74 -13.10
N LYS B 119 -32.31 9.29 -14.32
CA LYS B 119 -33.44 9.04 -15.21
C LYS B 119 -33.57 7.56 -15.63
N ALA B 120 -32.45 6.88 -15.87
CA ALA B 120 -32.48 5.51 -16.44
C ALA B 120 -32.79 4.45 -15.37
N TYR B 121 -32.41 4.74 -14.12
CA TYR B 121 -32.64 3.79 -13.07
C TYR B 121 -33.65 4.22 -12.03
N GLY B 122 -34.30 5.36 -12.26
CA GLY B 122 -35.39 5.85 -11.42
C GLY B 122 -35.01 6.23 -9.99
N TYR B 123 -33.81 6.72 -9.80
CA TYR B 123 -33.34 7.17 -8.48
C TYR B 123 -34.22 8.28 -7.95
N GLY B 124 -34.82 8.11 -6.79
CA GLY B 124 -35.76 9.14 -6.28
C GLY B 124 -35.09 10.15 -5.38
N PHE B 125 -33.76 10.05 -5.28
CA PHE B 125 -32.93 10.74 -4.28
C PHE B 125 -31.88 11.55 -5.04
N PRO B 126 -31.35 12.61 -4.41
CA PRO B 126 -30.30 13.41 -5.06
C PRO B 126 -29.05 12.54 -5.36
N TYR B 127 -28.53 12.59 -6.57
CA TYR B 127 -27.30 11.89 -6.90
C TYR B 127 -26.32 12.97 -7.38
N LEU B 128 -25.20 13.07 -6.67
CA LEU B 128 -24.39 14.25 -6.77
C LEU B 128 -22.97 13.85 -7.19
N LYS B 129 -22.24 14.80 -7.73
CA LYS B 129 -20.86 14.65 -8.12
C LYS B 129 -19.86 15.33 -7.17
N ASP B 130 -18.80 14.63 -6.81
CA ASP B 130 -17.77 15.11 -5.87
C ASP B 130 -16.45 15.06 -6.62
N ALA B 131 -16.31 16.05 -7.48
CA ALA B 131 -15.22 16.17 -8.41
C ALA B 131 -13.86 16.29 -7.77
N SER B 132 -13.74 17.07 -6.73
CA SER B 132 -12.39 17.20 -6.12
C SER B 132 -12.10 15.98 -5.23
N GLN B 133 -13.16 15.20 -4.94
CA GLN B 133 -13.12 13.96 -4.09
C GLN B 133 -12.88 14.30 -2.63
N SER B 134 -12.97 15.58 -2.28
CA SER B 134 -12.77 15.98 -0.88
C SER B 134 -13.85 15.38 0.07
N VAL B 135 -15.07 15.19 -0.46
CA VAL B 135 -16.13 14.62 0.38
C VAL B 135 -15.86 13.15 0.69
N ALA B 136 -15.49 12.35 -0.33
CA ALA B 136 -15.17 10.96 -0.12
C ALA B 136 -14.04 10.87 0.89
N LYS B 137 -13.07 11.78 0.83
CA LYS B 137 -11.94 11.74 1.77
C LYS B 137 -12.41 12.05 3.16
N ALA B 138 -13.18 13.13 3.32
CA ALA B 138 -13.69 13.53 4.62
C ALA B 138 -14.56 12.44 5.30
N TYR B 139 -15.29 11.65 4.50
CA TYR B 139 -16.11 10.51 5.00
C TYR B 139 -15.29 9.24 5.32
N GLY B 140 -14.12 9.08 4.71
CA GLY B 140 -13.35 7.82 4.84
C GLY B 140 -13.88 6.74 3.90
N ALA B 141 -14.58 7.16 2.84
CA ALA B 141 -15.05 6.27 1.80
C ALA B 141 -13.86 5.61 1.05
N ALA B 142 -14.03 4.34 0.64
CA ALA B 142 -12.92 3.58 0.09
C ALA B 142 -13.38 2.83 -1.15
N CYS B 143 -14.66 2.47 -1.20
CA CYS B 143 -15.15 1.66 -2.30
C CYS B 143 -16.54 2.09 -2.71
N THR B 144 -17.02 1.52 -3.81
CA THR B 144 -18.39 1.70 -4.25
C THR B 144 -18.93 0.29 -4.36
N PRO B 145 -20.08 0.02 -3.70
CA PRO B 145 -20.77 1.06 -2.90
C PRO B 145 -20.26 1.16 -1.45
N ASP B 146 -20.33 2.33 -0.84
CA ASP B 146 -19.91 2.52 0.54
C ASP B 146 -21.08 3.25 1.23
N PHE B 147 -21.63 2.65 2.29
CA PHE B 147 -22.89 3.14 2.92
C PHE B 147 -22.67 3.68 4.32
N PHE B 148 -23.06 4.93 4.53
CA PHE B 148 -22.87 5.57 5.82
C PHE B 148 -24.27 6.04 6.26
N LEU B 149 -24.77 5.48 7.37
CA LEU B 149 -26.13 5.84 7.96
C LEU B 149 -25.97 6.64 9.24
N TYR B 150 -26.68 7.76 9.28
CA TYR B 150 -26.58 8.70 10.39
C TYR B 150 -27.94 8.82 11.06
N ASP B 151 -27.90 9.03 12.37
CA ASP B 151 -29.16 9.21 13.16
C ASP B 151 -29.52 10.66 13.23
N ARG B 152 -30.38 11.02 14.19
CA ARG B 152 -30.85 12.41 14.34
C ARG B 152 -29.78 13.34 14.76
N GLU B 153 -28.74 12.84 15.42
CA GLU B 153 -27.70 13.75 15.84
C GLU B 153 -26.62 13.82 14.72
N ARG B 154 -26.91 13.13 13.60
CA ARG B 154 -25.98 12.92 12.52
C ARG B 154 -24.70 12.25 12.99
N ARG B 155 -24.84 11.22 13.84
CA ARG B 155 -23.73 10.40 14.24
C ARG B 155 -23.85 9.14 13.50
N LEU B 156 -22.72 8.59 13.09
CA LEU B 156 -22.72 7.36 12.31
C LEU B 156 -23.16 6.16 13.12
N VAL B 157 -24.12 5.42 12.59
CA VAL B 157 -24.72 4.34 13.36
C VAL B 157 -24.63 3.03 12.63
N TYR B 158 -24.49 3.08 11.31
CA TYR B 158 -24.28 1.87 10.54
C TYR B 158 -23.34 2.22 9.36
N HIS B 159 -22.38 1.34 9.10
CA HIS B 159 -21.38 1.53 8.07
C HIS B 159 -21.04 0.12 7.61
N GLY B 160 -21.55 -0.25 6.43
CA GLY B 160 -21.44 -1.65 6.04
C GLY B 160 -22.28 -1.99 4.85
N GLN B 161 -22.43 -3.28 4.61
CA GLN B 161 -22.99 -3.78 3.37
C GLN B 161 -24.49 -3.48 3.27
N PHE B 162 -24.98 -3.43 2.05
CA PHE B 162 -26.39 -3.28 1.75
C PHE B 162 -27.07 -4.59 2.20
N ASP B 163 -26.46 -5.72 1.84
CA ASP B 163 -26.86 -7.09 2.22
C ASP B 163 -25.77 -8.08 1.74
N ASP B 164 -26.02 -9.38 1.88
CA ASP B 164 -25.01 -10.42 1.60
C ASP B 164 -24.71 -10.66 0.10
N ALA B 165 -25.44 -9.99 -0.80
CA ALA B 165 -25.26 -10.24 -2.23
C ALA B 165 -23.93 -9.69 -2.80
N ARG B 166 -23.34 -10.47 -3.70
CA ARG B 166 -22.13 -10.09 -4.45
C ARG B 166 -22.37 -10.51 -5.87
N PRO B 167 -21.64 -9.91 -6.82
CA PRO B 167 -21.73 -10.30 -8.24
C PRO B 167 -21.27 -11.77 -8.37
N GLY B 168 -22.09 -12.60 -9.01
CA GLY B 168 -21.79 -14.04 -9.11
C GLY B 168 -21.86 -14.95 -7.88
N ASN B 169 -22.24 -14.45 -6.69
CA ASN B 169 -22.51 -15.37 -5.58
C ASN B 169 -23.98 -15.85 -5.58
N GLY B 170 -24.70 -15.54 -6.66
CA GLY B 170 -26.09 -15.92 -6.83
C GLY B 170 -26.90 -15.91 -5.54
N LYS B 171 -26.66 -14.88 -4.71
CA LYS B 171 -27.50 -14.55 -3.56
C LYS B 171 -28.55 -13.47 -3.94
N ASP B 172 -29.61 -13.34 -3.16
CA ASP B 172 -30.68 -12.46 -3.62
C ASP B 172 -30.40 -11.01 -3.18
N VAL B 173 -30.76 -10.04 -4.03
CA VAL B 173 -30.58 -8.61 -3.69
C VAL B 173 -31.79 -8.06 -2.94
N THR B 174 -31.51 -7.79 -1.67
CA THR B 174 -32.45 -7.73 -0.60
C THR B 174 -32.45 -6.34 0.10
N GLY B 175 -31.27 -5.88 0.54
CA GLY B 175 -31.11 -4.64 1.25
C GLY B 175 -31.25 -4.89 2.74
N ALA B 176 -31.22 -6.16 3.09
CA ALA B 176 -31.60 -6.64 4.42
C ALA B 176 -30.90 -5.92 5.55
N ASP B 177 -29.56 -5.91 5.53
CA ASP B 177 -28.81 -5.33 6.65
C ASP B 177 -29.09 -3.86 6.76
N LEU B 178 -29.12 -3.18 5.59
CA LEU B 178 -29.40 -1.75 5.60
C LEU B 178 -30.85 -1.45 5.99
N ARG B 179 -31.81 -2.18 5.42
CA ARG B 179 -33.26 -2.06 5.88
C ARG B 179 -33.34 -2.20 7.40
N ALA B 180 -32.70 -3.24 7.91
CA ALA B 180 -32.68 -3.48 9.37
C ALA B 180 -32.19 -2.30 10.15
N ALA B 181 -30.99 -1.78 9.80
CA ALA B 181 -30.44 -0.62 10.46
C ALA B 181 -31.32 0.61 10.34
N VAL B 182 -31.92 0.82 9.18
CA VAL B 182 -32.75 2.03 8.98
C VAL B 182 -34.02 1.91 9.91
N ASP B 183 -34.61 0.72 9.91
CA ASP B 183 -35.80 0.45 10.77
C ASP B 183 -35.49 0.86 12.19
N ALA B 184 -34.36 0.43 12.69
CA ALA B 184 -34.01 0.73 14.07
C ALA B 184 -33.91 2.23 14.33
N VAL B 185 -33.28 2.97 13.42
CA VAL B 185 -33.05 4.39 13.66
C VAL B 185 -34.37 5.14 13.67
N LEU B 186 -35.23 4.79 12.72
CA LEU B 186 -36.55 5.38 12.66
C LEU B 186 -37.40 5.14 13.94
N LYS B 187 -37.40 3.90 14.43
CA LYS B 187 -38.10 3.56 15.67
C LYS B 187 -37.51 4.21 16.93
N GLY B 188 -36.26 4.68 16.85
CA GLY B 188 -35.55 5.20 18.03
C GLY B 188 -34.80 4.12 18.81
N LYS B 189 -34.53 2.98 18.15
CA LYS B 189 -33.81 1.79 18.68
C LYS B 189 -32.28 1.85 18.35
N ASP B 190 -31.48 0.98 18.95
CA ASP B 190 -30.09 0.89 18.56
C ASP B 190 -29.91 -0.06 17.40
N VAL B 191 -28.87 0.22 16.63
CA VAL B 191 -28.62 -0.56 15.45
C VAL B 191 -27.82 -1.76 15.88
N GLY B 192 -28.04 -2.91 15.25
CA GLY B 192 -27.22 -4.13 15.41
C GLY B 192 -25.72 -3.81 15.38
N THR B 193 -24.97 -4.37 16.35
CA THR B 193 -23.53 -4.13 16.51
C THR B 193 -22.66 -4.92 15.48
N THR B 194 -23.29 -5.84 14.76
CA THR B 194 -22.59 -6.65 13.80
C THR B 194 -22.83 -6.08 12.43
N GLN B 195 -21.76 -5.54 11.85
CA GLN B 195 -21.86 -4.79 10.58
C GLN B 195 -20.84 -5.37 9.62
N VAL B 196 -21.27 -6.06 8.58
CA VAL B 196 -20.30 -6.64 7.67
C VAL B 196 -19.82 -5.51 6.70
N PRO B 197 -18.49 -5.28 6.58
CA PRO B 197 -18.01 -4.23 5.63
C PRO B 197 -18.44 -4.45 4.19
N SER B 198 -18.74 -3.38 3.46
CA SER B 198 -19.10 -3.58 2.06
C SER B 198 -17.82 -3.85 1.28
N ILE B 199 -18.03 -4.43 0.10
CA ILE B 199 -16.96 -4.72 -0.82
C ILE B 199 -17.35 -4.12 -2.14
N GLY B 200 -16.40 -3.55 -2.87
CA GLY B 200 -16.71 -3.06 -4.23
C GLY B 200 -15.48 -2.60 -4.97
N CYS B 201 -15.64 -1.79 -6.03
CA CYS B 201 -14.43 -1.30 -6.71
C CYS B 201 -13.88 -0.20 -5.85
N ASN B 202 -12.57 0.04 -5.85
CA ASN B 202 -12.04 1.21 -5.15
C ASN B 202 -12.63 2.50 -5.79
N ILE B 203 -12.80 3.50 -4.95
CA ILE B 203 -13.07 4.85 -5.48
C ILE B 203 -11.90 5.20 -6.39
N LYS B 204 -12.20 5.78 -7.53
CA LYS B 204 -11.13 6.00 -8.50
C LYS B 204 -10.49 7.36 -8.24
N TRP B 205 -9.53 7.36 -7.33
CA TRP B 205 -8.90 8.59 -6.96
C TRP B 205 -8.16 9.16 -8.16
N THR B 206 -8.23 10.46 -8.29
CA THR B 206 -7.47 11.18 -9.28
C THR B 206 -6.00 10.97 -8.95
N ALA B 207 -5.10 10.89 -9.96
CA ALA B 207 -3.69 10.62 -9.62
C ALA B 207 -3.06 11.79 -8.87
N GLY B 208 -2.38 11.47 -7.78
CA GLY B 208 -1.81 12.43 -6.89
C GLY B 208 -2.75 12.83 -5.73
N ASN B 209 -4.03 12.40 -5.82
CA ASN B 209 -5.06 12.80 -4.82
C ASN B 209 -5.48 11.59 -3.93
N GLU B 210 -4.74 10.49 -3.99
CA GLU B 210 -5.07 9.27 -3.23
C GLU B 210 -4.89 9.54 -1.73
N PRO B 211 -5.86 9.08 -0.93
CA PRO B 211 -5.78 9.24 0.55
C PRO B 211 -4.82 8.24 1.18
N SER B 212 -4.49 8.47 2.47
CA SER B 212 -3.70 7.52 3.30
C SER B 212 -4.06 6.03 3.10
N TRP B 213 -5.35 5.70 3.17
CA TRP B 213 -5.79 4.29 3.00
C TRP B 213 -5.67 3.66 1.58
N PHE B 214 -5.16 4.42 0.59
CA PHE B 214 -4.79 3.90 -0.78
C PHE B 214 -5.87 4.12 -1.89
N LYS C 26 -3.02 -30.07 26.59
CA LYS C 26 -3.59 -31.38 27.04
C LYS C 26 -3.48 -32.50 25.96
N THR C 27 -4.18 -32.42 24.81
CA THR C 27 -4.12 -33.48 23.80
C THR C 27 -3.49 -33.08 22.44
N GLN C 28 -2.74 -34.02 21.86
CA GLN C 28 -2.04 -33.80 20.63
C GLN C 28 -2.78 -34.52 19.50
N SER C 29 -2.70 -34.02 18.25
CA SER C 29 -3.34 -34.70 17.10
C SER C 29 -2.66 -36.04 16.81
N ASN C 30 -3.36 -37.00 16.20
CA ASN C 30 -2.76 -38.30 15.80
C ASN C 30 -1.77 -38.22 14.63
N SER C 31 -0.86 -39.18 14.47
CA SER C 31 -0.07 -39.26 13.20
C SER C 31 -0.83 -40.03 12.18
N ILE C 32 -1.50 -39.34 11.29
CA ILE C 32 -2.26 -39.99 10.24
C ILE C 32 -1.43 -39.97 8.96
N THR C 33 -1.47 -41.07 8.22
CA THR C 33 -0.63 -41.22 7.05
C THR C 33 -1.12 -40.22 6.03
N LEU C 34 -0.19 -39.45 5.45
CA LEU C 34 -0.56 -38.57 4.36
C LEU C 34 -0.92 -39.42 3.14
N GLY C 35 -1.81 -38.94 2.28
CA GLY C 35 -2.24 -39.75 1.19
C GLY C 35 -3.65 -40.28 1.45
N THR C 36 -4.02 -40.32 2.72
CA THR C 36 -5.30 -40.97 3.13
C THR C 36 -6.56 -40.28 2.53
N ARG C 37 -7.44 -41.00 1.85
CA ARG C 37 -8.64 -40.31 1.33
C ARG C 37 -9.58 -39.71 2.42
N ALA C 38 -10.24 -38.58 2.12
CA ALA C 38 -11.21 -37.99 3.03
C ALA C 38 -12.45 -38.89 3.08
N ALA C 39 -12.84 -39.21 4.30
CA ALA C 39 -14.07 -39.99 4.51
C ALA C 39 -15.30 -39.12 4.19
N ASP C 40 -16.27 -39.71 3.52
CA ASP C 40 -17.51 -39.03 3.29
C ASP C 40 -18.35 -38.97 4.58
N PHE C 41 -19.29 -38.03 4.60
CA PHE C 41 -20.04 -37.77 5.80
C PHE C 41 -21.36 -37.17 5.38
N VAL C 42 -22.35 -37.16 6.30
CA VAL C 42 -23.55 -36.31 6.11
C VAL C 42 -23.75 -35.55 7.40
N LEU C 43 -23.81 -34.23 7.34
CA LEU C 43 -23.90 -33.46 8.59
C LEU C 43 -24.70 -32.21 8.43
N PRO C 44 -25.50 -31.87 9.44
CA PRO C 44 -26.32 -30.67 9.47
C PRO C 44 -25.64 -29.41 10.00
N ASP C 45 -25.97 -28.25 9.43
CA ASP C 45 -25.69 -26.95 10.07
C ASP C 45 -26.86 -26.58 10.98
N ALA C 46 -26.82 -25.42 11.61
CA ALA C 46 -27.78 -25.11 12.64
C ALA C 46 -29.22 -24.88 12.12
N GLY C 47 -29.42 -24.64 10.82
CA GLY C 47 -30.79 -24.58 10.24
C GLY C 47 -31.23 -25.97 9.70
N GLY C 48 -30.38 -27.00 9.81
CA GLY C 48 -30.76 -28.33 9.32
C GLY C 48 -30.37 -28.66 7.89
N ASN C 49 -29.72 -27.73 7.18
CA ASN C 49 -29.15 -28.04 5.84
C ASN C 49 -28.12 -29.13 5.96
N LEU C 50 -28.15 -30.13 5.10
CA LEU C 50 -27.22 -31.22 5.24
C LEU C 50 -26.06 -31.03 4.23
N PHE C 51 -24.82 -31.34 4.65
CA PHE C 51 -23.62 -31.19 3.84
C PHE C 51 -22.93 -32.52 3.70
N THR C 52 -22.40 -32.82 2.51
CA THR C 52 -21.54 -33.99 2.29
C THR C 52 -20.24 -33.48 1.61
N LEU C 53 -19.31 -34.39 1.31
CA LEU C 53 -18.15 -33.98 0.51
C LEU C 53 -18.58 -33.39 -0.81
N ALA C 54 -19.64 -33.92 -1.41
CA ALA C 54 -20.13 -33.37 -2.70
C ALA C 54 -20.45 -31.87 -2.71
N GLU C 55 -20.86 -31.31 -1.56
CA GLU C 55 -21.08 -29.88 -1.51
C GLU C 55 -19.80 -29.10 -1.75
N PHE C 56 -18.64 -29.75 -1.75
CA PHE C 56 -17.38 -28.97 -1.84
C PHE C 56 -16.54 -29.35 -3.05
N LYS C 57 -17.20 -30.09 -3.94
CA LYS C 57 -16.65 -30.78 -5.08
C LYS C 57 -15.94 -29.86 -6.09
N ASP C 58 -16.31 -28.60 -6.10
CA ASP C 58 -15.77 -27.67 -7.12
C ASP C 58 -14.51 -26.90 -6.65
N SER C 59 -14.20 -27.00 -5.35
CA SER C 59 -13.01 -26.39 -4.76
C SER C 59 -11.83 -27.34 -4.87
N PRO C 60 -10.71 -26.87 -5.43
CA PRO C 60 -9.54 -27.76 -5.52
C PRO C 60 -9.00 -28.23 -4.15
N ALA C 61 -9.06 -27.35 -3.15
CA ALA C 61 -8.53 -27.61 -1.82
C ALA C 61 -9.72 -27.66 -0.84
N LEU C 62 -9.65 -28.58 0.10
CA LEU C 62 -10.64 -28.72 1.11
C LEU C 62 -9.99 -28.85 2.50
N LEU C 63 -10.29 -27.90 3.38
CA LEU C 63 -9.89 -28.00 4.77
C LEU C 63 -11.10 -28.53 5.61
N VAL C 64 -10.91 -29.63 6.35
CA VAL C 64 -11.87 -30.11 7.38
C VAL C 64 -11.29 -29.79 8.77
N ALA C 65 -11.95 -28.95 9.55
CA ALA C 65 -11.38 -28.47 10.83
C ALA C 65 -12.28 -28.93 11.95
N PHE C 66 -11.75 -29.70 12.90
CA PHE C 66 -12.54 -30.07 14.10
C PHE C 66 -12.31 -29.02 15.18
N ILE C 67 -13.39 -28.39 15.60
CA ILE C 67 -13.33 -27.08 16.27
C ILE C 67 -14.24 -27.22 17.51
N SER C 68 -14.32 -26.20 18.36
CA SER C 68 -15.15 -26.23 19.56
C SER C 68 -15.57 -24.80 19.83
N ASN C 69 -16.58 -24.62 20.66
CA ASN C 69 -17.06 -23.29 21.00
C ASN C 69 -16.37 -22.70 22.25
N ARG C 70 -15.75 -23.54 23.04
CA ARG C 70 -15.26 -23.12 24.37
C ARG C 70 -13.76 -23.31 24.52
N CYS C 71 -13.19 -24.28 23.78
CA CYS C 71 -11.79 -24.67 23.94
C CYS C 71 -10.78 -23.48 23.79
N PRO C 72 -9.96 -23.17 24.84
CA PRO C 72 -8.99 -22.02 24.75
C PRO C 72 -8.11 -22.05 23.52
N PHE C 73 -7.69 -23.24 23.09
CA PHE C 73 -6.90 -23.37 21.87
C PHE C 73 -7.68 -22.98 20.61
N VAL C 74 -9.00 -23.19 20.61
CA VAL C 74 -9.80 -22.71 19.49
C VAL C 74 -10.05 -21.21 19.68
N VAL C 75 -10.48 -20.81 20.88
CA VAL C 75 -10.74 -19.41 21.19
C VAL C 75 -9.67 -18.45 20.71
N LEU C 76 -8.41 -18.83 20.92
CA LEU C 76 -7.23 -18.07 20.51
C LEU C 76 -7.07 -17.83 19.01
N ILE C 77 -7.51 -18.77 18.18
CA ILE C 77 -7.26 -18.63 16.75
C ILE C 77 -8.55 -18.39 15.98
N ARG C 78 -9.62 -18.11 16.72
CA ARG C 78 -10.98 -18.01 16.18
C ARG C 78 -11.13 -16.89 15.14
N GLU C 79 -10.82 -15.67 15.56
CA GLU C 79 -10.84 -14.51 14.69
C GLU C 79 -9.93 -14.69 13.49
N ALA C 80 -8.79 -15.34 13.71
CA ALA C 80 -7.81 -15.59 12.65
C ALA C 80 -8.27 -16.68 11.66
N LEU C 81 -8.94 -17.70 12.20
CA LEU C 81 -9.48 -18.79 11.35
C LEU C 81 -10.56 -18.23 10.41
N ALA C 82 -11.43 -17.38 10.96
CA ALA C 82 -12.41 -16.64 10.18
C ALA C 82 -11.86 -15.76 9.02
N LYS C 83 -10.76 -15.01 9.24
CA LYS C 83 -10.07 -14.22 8.16
C LYS C 83 -9.45 -15.16 7.16
N PHE C 84 -8.71 -16.14 7.70
CA PHE C 84 -8.11 -17.18 6.90
C PHE C 84 -9.12 -17.74 5.89
N ALA C 85 -10.27 -18.15 6.36
CA ALA C 85 -11.26 -18.79 5.49
C ALA C 85 -11.74 -17.76 4.48
N GLY C 86 -11.94 -16.55 4.99
CA GLY C 86 -12.36 -15.44 4.14
C GLY C 86 -11.41 -15.08 3.03
N ASP C 87 -10.10 -15.16 3.31
CA ASP C 87 -9.08 -14.80 2.34
C ASP C 87 -9.05 -15.78 1.19
N TYR C 88 -9.33 -17.05 1.44
CA TYR C 88 -9.20 -18.05 0.38
C TYR C 88 -10.51 -18.40 -0.28
N ALA C 89 -11.59 -17.73 0.11
CA ALA C 89 -12.92 -18.20 -0.30
C ALA C 89 -13.13 -18.13 -1.81
N GLY C 90 -12.80 -17.01 -2.42
CA GLY C 90 -12.85 -16.94 -3.88
C GLY C 90 -11.80 -17.77 -4.61
N GLN C 91 -10.72 -18.14 -3.88
CA GLN C 91 -9.49 -18.72 -4.45
C GLN C 91 -9.38 -20.27 -4.62
N GLY C 92 -10.43 -21.02 -4.31
CA GLY C 92 -10.35 -22.48 -4.46
C GLY C 92 -10.21 -23.33 -3.18
N LEU C 93 -10.16 -22.67 -2.03
CA LEU C 93 -10.23 -23.38 -0.76
C LEU C 93 -11.65 -23.42 -0.22
N ALA C 94 -12.16 -24.62 -0.11
CA ALA C 94 -13.39 -24.82 0.65
C ALA C 94 -13.00 -25.17 2.11
N VAL C 95 -13.73 -24.67 3.11
CA VAL C 95 -13.49 -25.04 4.50
C VAL C 95 -14.83 -25.58 5.05
N VAL C 96 -14.80 -26.67 5.80
CA VAL C 96 -15.94 -27.07 6.60
C VAL C 96 -15.43 -27.27 8.03
N ALA C 97 -16.07 -26.65 9.01
CA ALA C 97 -15.72 -26.84 10.41
C ALA C 97 -16.74 -27.78 11.08
N ILE C 98 -16.27 -28.62 11.99
CA ILE C 98 -17.10 -29.64 12.59
C ILE C 98 -16.97 -29.60 14.12
N ASN C 99 -18.08 -29.54 14.84
CA ASN C 99 -18.03 -29.66 16.30
C ASN C 99 -18.51 -31.06 16.69
N SER C 100 -17.63 -31.86 17.25
CA SER C 100 -17.96 -33.22 17.56
C SER C 100 -18.13 -33.45 19.07
N ASN C 101 -17.99 -32.41 19.86
CA ASN C 101 -18.00 -32.56 21.32
C ASN C 101 -19.42 -32.88 21.90
N ASP C 102 -19.47 -33.76 22.87
CA ASP C 102 -20.68 -34.15 23.59
C ASP C 102 -21.34 -32.88 24.19
N ALA C 103 -22.50 -32.51 23.63
CA ALA C 103 -23.21 -31.32 24.07
C ALA C 103 -23.98 -31.58 25.36
N GLN C 104 -24.11 -32.85 25.78
CA GLN C 104 -24.75 -33.18 27.05
C GLN C 104 -23.83 -32.77 28.18
N ALA C 105 -22.61 -33.30 28.16
CA ALA C 105 -21.56 -32.93 29.10
C ALA C 105 -21.11 -31.50 28.92
N PHE C 106 -21.18 -30.97 27.70
CA PHE C 106 -20.70 -29.60 27.40
C PHE C 106 -21.70 -28.72 26.61
N PRO C 107 -22.68 -28.12 27.33
CA PRO C 107 -23.75 -27.32 26.69
C PRO C 107 -23.31 -26.20 25.78
N GLU C 108 -22.08 -25.74 25.93
CA GLU C 108 -21.59 -24.71 25.08
C GLU C 108 -21.41 -25.29 23.65
N GLU C 109 -21.40 -26.60 23.53
CA GLU C 109 -21.18 -27.34 22.24
C GLU C 109 -22.45 -27.81 21.45
N THR C 110 -23.65 -27.33 21.84
CA THR C 110 -24.89 -27.83 21.20
C THR C 110 -24.93 -27.29 19.79
N LEU C 111 -25.69 -27.92 18.91
CA LEU C 111 -25.85 -27.35 17.55
C LEU C 111 -26.33 -25.87 17.53
N GLU C 112 -27.24 -25.58 18.44
CA GLU C 112 -27.73 -24.22 18.63
C GLU C 112 -26.57 -23.24 18.93
N ARG C 113 -25.67 -23.56 19.84
CA ARG C 113 -24.45 -22.71 20.04
C ARG C 113 -23.53 -22.66 18.83
N VAL C 114 -23.41 -23.79 18.13
CA VAL C 114 -22.71 -23.77 16.86
C VAL C 114 -23.30 -22.71 15.94
N GLY C 115 -24.62 -22.65 15.87
CA GLY C 115 -25.26 -21.61 15.03
C GLY C 115 -24.96 -20.18 15.48
N ALA C 116 -24.99 -19.97 16.79
CA ALA C 116 -24.66 -18.63 17.36
C ALA C 116 -23.21 -18.28 17.14
N GLU C 117 -22.33 -19.28 17.24
CA GLU C 117 -20.88 -19.08 17.01
C GLU C 117 -20.58 -18.49 15.64
N VAL C 118 -21.25 -19.04 14.61
CA VAL C 118 -21.22 -18.54 13.22
C VAL C 118 -21.64 -17.03 13.11
N LYS C 119 -22.74 -16.66 13.77
CA LYS C 119 -23.22 -15.25 13.78
C LYS C 119 -22.26 -14.39 14.58
N ALA C 120 -21.91 -14.82 15.80
CA ALA C 120 -21.05 -14.05 16.70
C ALA C 120 -19.66 -13.79 16.14
N TYR C 121 -19.01 -14.79 15.55
CA TYR C 121 -17.64 -14.57 15.11
C TYR C 121 -17.44 -14.45 13.62
N GLY C 122 -18.53 -14.38 12.85
CA GLY C 122 -18.39 -14.15 11.39
C GLY C 122 -17.76 -15.26 10.54
N TYR C 123 -17.98 -16.52 10.91
CA TYR C 123 -17.56 -17.65 10.08
C TYR C 123 -18.30 -17.65 8.77
N GLY C 124 -17.59 -17.48 7.65
CA GLY C 124 -18.20 -17.58 6.29
C GLY C 124 -18.32 -19.00 5.70
N PHE C 125 -17.84 -20.01 6.44
CA PHE C 125 -17.82 -21.42 5.98
C PHE C 125 -18.89 -22.24 6.76
N PRO C 126 -19.32 -23.40 6.22
CA PRO C 126 -20.28 -24.20 7.02
C PRO C 126 -19.66 -24.71 8.34
N TYR C 127 -20.38 -24.54 9.42
CA TYR C 127 -19.96 -25.03 10.74
C TYR C 127 -21.06 -26.01 11.19
N LEU C 128 -20.69 -27.29 11.22
CA LEU C 128 -21.62 -28.40 11.33
C LEU C 128 -21.46 -29.10 12.69
N LYS C 129 -22.53 -29.73 13.17
CA LYS C 129 -22.47 -30.63 14.30
C LYS C 129 -22.36 -32.09 13.90
N ASP C 130 -21.40 -32.80 14.48
CA ASP C 130 -21.22 -34.32 14.35
C ASP C 130 -21.70 -34.97 15.67
N ALA C 131 -23.02 -35.11 15.87
CA ALA C 131 -23.60 -35.58 17.16
C ALA C 131 -23.22 -37.01 17.59
N SER C 132 -23.24 -37.94 16.65
CA SER C 132 -22.84 -39.29 16.94
C SER C 132 -21.31 -39.44 17.10
N GLN C 133 -20.51 -38.43 16.68
CA GLN C 133 -19.01 -38.51 16.71
C GLN C 133 -18.40 -39.46 15.69
N SER C 134 -19.23 -40.05 14.83
CA SER C 134 -18.73 -41.04 13.87
C SER C 134 -17.79 -40.33 12.84
N VAL C 135 -18.06 -39.07 12.51
CA VAL C 135 -17.18 -38.32 11.56
C VAL C 135 -15.76 -38.06 12.14
N ALA C 136 -15.69 -37.56 13.37
CA ALA C 136 -14.42 -37.41 14.06
C ALA C 136 -13.68 -38.72 14.14
N LYS C 137 -14.36 -39.81 14.44
CA LYS C 137 -13.71 -41.14 14.51
C LYS C 137 -13.18 -41.59 13.16
N ALA C 138 -13.93 -41.34 12.10
CA ALA C 138 -13.58 -41.82 10.76
C ALA C 138 -12.35 -41.04 10.25
N TYR C 139 -12.27 -39.76 10.63
CA TYR C 139 -11.12 -38.88 10.32
C TYR C 139 -9.90 -39.12 11.21
N GLY C 140 -10.09 -39.77 12.35
CA GLY C 140 -8.99 -39.92 13.32
C GLY C 140 -8.69 -38.64 14.05
N ALA C 141 -9.64 -37.70 14.13
CA ALA C 141 -9.49 -36.44 14.87
C ALA C 141 -9.31 -36.72 16.37
N ALA C 142 -8.50 -35.94 17.08
CA ALA C 142 -8.27 -36.24 18.49
C ALA C 142 -8.43 -34.99 19.37
N CYS C 143 -8.22 -33.81 18.80
CA CYS C 143 -8.30 -32.60 19.61
C CYS C 143 -8.93 -31.46 18.85
N THR C 144 -9.23 -30.38 19.56
CA THR C 144 -9.72 -29.15 18.95
C THR C 144 -8.70 -28.07 19.28
N PRO C 145 -8.10 -27.40 18.26
CA PRO C 145 -8.42 -27.57 16.83
C PRO C 145 -7.69 -28.73 16.20
N ASP C 146 -8.29 -29.38 15.20
CA ASP C 146 -7.58 -30.44 14.45
C ASP C 146 -7.85 -30.18 12.97
N PHE C 147 -6.79 -30.00 12.16
CA PHE C 147 -6.93 -29.51 10.75
C PHE C 147 -6.52 -30.54 9.76
N PHE C 148 -7.38 -30.90 8.81
CA PHE C 148 -7.03 -31.89 7.86
C PHE C 148 -7.22 -31.18 6.53
N LEU C 149 -6.18 -31.15 5.70
CA LEU C 149 -6.26 -30.49 4.37
C LEU C 149 -6.11 -31.52 3.26
N TYR C 150 -7.00 -31.46 2.26
CA TYR C 150 -7.10 -32.41 1.18
C TYR C 150 -6.84 -31.70 -0.15
N ASP C 151 -6.36 -32.46 -1.14
CA ASP C 151 -6.06 -31.93 -2.45
C ASP C 151 -7.21 -32.23 -3.40
N ARG C 152 -6.95 -32.13 -4.70
CA ARG C 152 -8.00 -32.31 -5.68
C ARG C 152 -8.48 -33.75 -5.75
N GLU C 153 -7.64 -34.72 -5.41
CA GLU C 153 -8.07 -36.10 -5.38
C GLU C 153 -8.65 -36.45 -3.96
N ARG C 154 -8.82 -35.42 -3.15
CA ARG C 154 -9.22 -35.49 -1.72
C ARG C 154 -8.37 -36.50 -0.96
N ARG C 155 -7.05 -36.40 -1.17
CA ARG C 155 -6.07 -37.08 -0.39
C ARG C 155 -5.52 -36.11 0.62
N LEU C 156 -5.25 -36.62 1.83
CA LEU C 156 -4.74 -35.79 2.92
C LEU C 156 -3.35 -35.30 2.53
N VAL C 157 -3.12 -33.99 2.66
CA VAL C 157 -1.83 -33.41 2.32
C VAL C 157 -1.17 -32.63 3.45
N TYR C 158 -1.95 -32.12 4.38
CA TYR C 158 -1.40 -31.45 5.53
C TYR C 158 -2.29 -31.84 6.70
N HIS C 159 -1.68 -32.26 7.78
CA HIS C 159 -2.41 -32.55 8.99
C HIS C 159 -1.58 -32.03 10.12
N GLY C 160 -2.02 -30.97 10.76
CA GLY C 160 -1.08 -30.35 11.68
C GLY C 160 -1.55 -28.99 12.10
N GLN C 161 -0.65 -28.23 12.74
CA GLN C 161 -1.04 -26.98 13.45
C GLN C 161 -1.41 -25.84 12.49
N PHE C 162 -2.27 -24.93 12.97
CA PHE C 162 -2.60 -23.68 12.32
C PHE C 162 -1.31 -22.83 12.24
N ASP C 163 -0.65 -22.68 13.39
CA ASP C 163 0.67 -22.05 13.48
C ASP C 163 1.23 -22.33 14.87
N ASP C 164 2.30 -21.66 15.26
CA ASP C 164 2.91 -21.93 16.58
C ASP C 164 2.29 -21.22 17.79
N ALA C 165 1.30 -20.35 17.56
CA ALA C 165 0.65 -19.71 18.67
C ALA C 165 -0.04 -20.77 19.54
N ARG C 166 -0.04 -20.54 20.86
CA ARG C 166 -0.66 -21.40 21.91
C ARG C 166 -1.13 -20.41 22.97
N PRO C 167 -2.22 -20.74 23.70
CA PRO C 167 -2.63 -19.83 24.75
C PRO C 167 -1.50 -19.50 25.79
N GLY C 168 -0.96 -18.27 25.71
CA GLY C 168 0.06 -17.80 26.64
C GLY C 168 1.49 -18.22 26.34
N ASN C 169 1.82 -18.47 25.08
CA ASN C 169 3.23 -18.56 24.71
C ASN C 169 3.67 -17.30 23.96
N GLY C 170 2.77 -16.30 23.94
CA GLY C 170 3.05 -14.97 23.40
C GLY C 170 3.57 -14.91 21.97
N LYS C 171 3.29 -15.97 21.19
CA LYS C 171 3.63 -15.99 19.78
C LYS C 171 2.42 -15.47 19.03
N ASP C 172 2.64 -14.82 17.90
CA ASP C 172 1.53 -14.20 17.16
C ASP C 172 0.69 -15.26 16.43
N VAL C 173 -0.62 -15.05 16.37
CA VAL C 173 -1.55 -15.88 15.57
C VAL C 173 -1.59 -15.46 14.12
N THR C 174 -1.12 -16.33 13.23
CA THR C 174 -0.82 -16.00 11.86
C THR C 174 -1.45 -16.97 10.85
N GLY C 175 -1.58 -18.24 11.23
CA GLY C 175 -2.03 -19.25 10.26
C GLY C 175 -1.00 -19.64 9.23
N ALA C 176 0.25 -19.20 9.44
CA ALA C 176 1.25 -19.38 8.38
C ALA C 176 1.52 -20.82 7.96
N ASP C 177 1.48 -21.76 8.89
CA ASP C 177 1.76 -23.15 8.49
C ASP C 177 0.65 -23.67 7.59
N LEU C 178 -0.57 -23.45 8.02
CA LEU C 178 -1.71 -23.90 7.24
C LEU C 178 -1.84 -23.03 5.96
N ARG C 179 -1.71 -21.70 6.07
CA ARG C 179 -1.61 -20.86 4.83
C ARG C 179 -0.62 -21.39 3.79
N ALA C 180 0.58 -21.79 4.22
CA ALA C 180 1.58 -22.20 3.27
C ALA C 180 1.17 -23.51 2.62
N ALA C 181 0.60 -24.42 3.41
CA ALA C 181 0.10 -25.69 2.85
C ALA C 181 -1.01 -25.48 1.76
N VAL C 182 -1.97 -24.60 2.06
CA VAL C 182 -3.05 -24.21 1.14
C VAL C 182 -2.46 -23.57 -0.16
N ASP C 183 -1.52 -22.64 0.02
CA ASP C 183 -0.80 -22.00 -1.11
C ASP C 183 -0.24 -23.04 -2.06
N ALA C 184 0.42 -24.07 -1.51
CA ALA C 184 0.94 -25.14 -2.33
C ALA C 184 -0.10 -25.98 -3.09
N VAL C 185 -1.21 -26.36 -2.43
CA VAL C 185 -2.25 -27.08 -3.14
C VAL C 185 -2.87 -26.24 -4.26
N LEU C 186 -3.24 -25.02 -3.95
CA LEU C 186 -3.77 -24.11 -4.97
C LEU C 186 -2.82 -23.97 -6.19
N LYS C 187 -1.51 -23.80 -5.94
CA LYS C 187 -0.51 -23.81 -7.02
C LYS C 187 -0.26 -25.16 -7.67
N GLY C 188 -0.82 -26.24 -7.12
CA GLY C 188 -0.60 -27.56 -7.71
C GLY C 188 0.83 -28.04 -7.48
N LYS C 189 1.39 -27.58 -6.36
CA LYS C 189 2.73 -27.96 -5.86
C LYS C 189 2.64 -28.87 -4.60
N ASP C 190 3.76 -29.55 -4.29
CA ASP C 190 3.85 -30.43 -3.11
C ASP C 190 3.88 -29.66 -1.80
N VAL C 191 3.09 -30.15 -0.84
CA VAL C 191 3.03 -29.53 0.46
C VAL C 191 4.27 -29.96 1.23
N GLY C 192 4.82 -29.02 1.98
CA GLY C 192 5.97 -29.26 2.87
C GLY C 192 5.81 -30.47 3.78
N THR C 193 6.84 -31.33 3.80
CA THR C 193 6.87 -32.66 4.47
C THR C 193 6.84 -32.58 6.02
N THR C 194 7.24 -31.43 6.53
CA THR C 194 7.44 -31.31 7.93
C THR C 194 6.25 -30.70 8.56
N GLN C 195 5.55 -31.46 9.39
CA GLN C 195 4.22 -30.97 9.84
C GLN C 195 4.08 -31.16 11.34
N VAL C 196 4.03 -30.06 12.08
CA VAL C 196 3.99 -30.11 13.53
C VAL C 196 2.53 -30.39 14.00
N PRO C 197 2.35 -31.41 14.87
CA PRO C 197 1.00 -31.76 15.32
C PRO C 197 0.32 -30.59 16.01
N SER C 198 -1.02 -30.51 15.83
CA SER C 198 -1.86 -29.57 16.57
C SER C 198 -1.94 -30.01 18.05
N ILE C 199 -2.22 -29.05 18.94
CA ILE C 199 -2.46 -29.34 20.33
C ILE C 199 -3.80 -28.69 20.71
N GLY C 200 -4.58 -29.30 21.60
CA GLY C 200 -5.76 -28.61 22.11
C GLY C 200 -6.52 -29.47 23.11
N CYS C 201 -7.74 -29.10 23.44
CA CYS C 201 -8.52 -29.94 24.30
C CYS C 201 -8.81 -31.23 23.51
N ASN C 202 -8.95 -32.34 24.21
CA ASN C 202 -9.42 -33.53 23.55
C ASN C 202 -10.86 -33.37 23.05
N ILE C 203 -11.21 -34.12 22.00
CA ILE C 203 -12.58 -34.13 21.53
C ILE C 203 -13.34 -34.76 22.72
N LYS C 204 -14.47 -34.21 23.08
CA LYS C 204 -15.17 -34.75 24.26
C LYS C 204 -16.06 -35.95 23.86
N TRP C 205 -15.45 -37.14 23.85
CA TRP C 205 -16.14 -38.32 23.44
C TRP C 205 -17.28 -38.61 24.45
N THR C 206 -18.44 -39.03 23.94
CA THR C 206 -19.51 -39.49 24.81
C THR C 206 -19.06 -40.79 25.46
N ALA C 207 -19.50 -41.01 26.68
CA ALA C 207 -19.09 -42.24 27.37
C ALA C 207 -19.50 -43.49 26.62
N GLY C 208 -18.55 -44.40 26.49
CA GLY C 208 -18.77 -45.61 25.68
C GLY C 208 -18.39 -45.48 24.22
N ASN C 209 -18.12 -44.25 23.78
CA ASN C 209 -17.89 -44.01 22.35
C ASN C 209 -16.42 -43.63 22.07
N GLU C 210 -15.53 -43.78 23.06
CA GLU C 210 -14.14 -43.32 22.98
C GLU C 210 -13.40 -44.14 21.90
N PRO C 211 -12.69 -43.48 20.94
CA PRO C 211 -11.96 -44.37 20.02
C PRO C 211 -10.71 -45.04 20.70
N SER C 212 -10.20 -46.09 20.07
CA SER C 212 -8.94 -46.75 20.50
C SER C 212 -7.75 -45.84 20.91
N TRP C 213 -7.63 -44.65 20.32
CA TRP C 213 -6.66 -43.64 20.78
C TRP C 213 -7.08 -42.75 22.01
N PHE C 214 -8.14 -43.17 22.75
CA PHE C 214 -8.70 -42.57 24.02
C PHE C 214 -9.27 -41.13 23.94
N LYS D 26 9.50 8.15 2.17
CA LYS D 26 10.80 8.94 2.08
C LYS D 26 10.93 9.90 3.26
N THR D 27 12.07 9.92 3.96
CA THR D 27 12.30 10.94 5.00
C THR D 27 13.73 11.35 5.07
N GLN D 28 13.94 12.46 5.75
CA GLN D 28 15.25 12.99 5.99
C GLN D 28 15.85 12.33 7.26
N SER D 29 17.16 12.33 7.38
CA SER D 29 17.82 11.91 8.63
C SER D 29 17.51 12.95 9.72
N ASN D 30 17.55 12.51 10.97
CA ASN D 30 17.25 13.38 12.12
C ASN D 30 18.35 14.43 12.34
N SER D 31 17.99 15.56 12.96
CA SER D 31 18.96 16.54 13.41
C SER D 31 19.66 16.02 14.68
N ILE D 32 20.67 15.18 14.53
CA ILE D 32 21.31 14.64 15.73
C ILE D 32 22.39 15.63 16.20
N THR D 33 22.56 15.82 17.47
CA THR D 33 23.61 16.76 17.89
C THR D 33 24.99 16.26 17.69
N LEU D 34 25.84 17.05 17.03
CA LEU D 34 27.23 16.65 16.93
C LEU D 34 27.91 16.58 18.29
N GLY D 35 28.94 15.73 18.43
CA GLY D 35 29.55 15.50 19.73
C GLY D 35 28.97 14.30 20.47
N THR D 36 27.78 13.84 20.11
CA THR D 36 27.14 12.73 20.81
C THR D 36 28.01 11.45 20.71
N ARG D 37 28.08 10.68 21.80
CA ARG D 37 28.85 9.46 21.81
C ARG D 37 28.19 8.40 20.92
N ALA D 38 29.02 7.52 20.36
CA ALA D 38 28.47 6.33 19.63
C ALA D 38 27.90 5.41 20.69
N ALA D 39 26.68 4.97 20.49
CA ALA D 39 26.06 4.01 21.38
C ALA D 39 26.64 2.62 21.10
N ASP D 40 26.78 1.85 22.17
CA ASP D 40 27.30 0.52 22.07
C ASP D 40 26.20 -0.38 21.53
N PHE D 41 26.59 -1.53 20.99
CA PHE D 41 25.60 -2.44 20.40
C PHE D 41 26.25 -3.82 20.42
N VAL D 42 25.43 -4.87 20.25
CA VAL D 42 25.94 -6.17 19.92
C VAL D 42 25.03 -6.73 18.84
N LEU D 43 25.66 -7.09 17.72
CA LEU D 43 24.92 -7.42 16.47
C LEU D 43 25.63 -8.51 15.66
N PRO D 44 24.83 -9.36 15.01
CA PRO D 44 25.39 -10.48 14.26
C PRO D 44 25.50 -10.17 12.78
N ASP D 45 26.49 -10.80 12.13
CA ASP D 45 26.54 -10.89 10.67
C ASP D 45 25.91 -12.18 10.26
N ALA D 46 25.94 -12.46 8.96
CA ALA D 46 25.11 -13.55 8.44
C ALA D 46 25.67 -14.95 8.77
N GLY D 47 26.94 -14.99 9.20
CA GLY D 47 27.54 -16.24 9.76
C GLY D 47 27.34 -16.36 11.28
N GLY D 48 26.73 -15.34 11.90
CA GLY D 48 26.56 -15.40 13.35
C GLY D 48 27.65 -14.77 14.20
N ASN D 49 28.66 -14.22 13.54
CA ASN D 49 29.73 -13.52 14.27
C ASN D 49 29.11 -12.25 14.86
N LEU D 50 29.46 -11.94 16.10
CA LEU D 50 28.91 -10.77 16.79
C LEU D 50 29.90 -9.63 16.89
N PHE D 51 29.41 -8.40 16.85
CA PHE D 51 30.30 -7.30 16.80
C PHE D 51 29.78 -6.29 17.75
N THR D 52 30.68 -5.59 18.41
CA THR D 52 30.38 -4.46 19.32
C THR D 52 31.33 -3.37 18.95
N LEU D 53 31.19 -2.17 19.53
CA LEU D 53 32.22 -1.11 19.35
C LEU D 53 33.64 -1.55 19.59
N ALA D 54 33.85 -2.41 20.58
CA ALA D 54 35.18 -2.83 20.93
C ALA D 54 35.89 -3.53 19.76
N GLU D 55 35.14 -4.09 18.83
CA GLU D 55 35.78 -4.80 17.70
C GLU D 55 36.44 -3.79 16.75
N PHE D 56 36.16 -2.48 16.89
CA PHE D 56 36.72 -1.49 15.91
C PHE D 56 37.59 -0.50 16.61
N LYS D 57 38.03 -0.85 17.84
CA LYS D 57 38.70 0.14 18.70
C LYS D 57 40.06 0.64 18.18
N ASP D 58 40.69 -0.11 17.30
CA ASP D 58 41.98 0.33 16.78
C ASP D 58 41.85 1.24 15.56
N SER D 59 40.63 1.51 15.09
CA SER D 59 40.47 2.38 13.93
C SER D 59 40.17 3.79 14.41
N PRO D 60 40.98 4.80 14.04
CA PRO D 60 40.71 6.18 14.46
C PRO D 60 39.33 6.75 14.07
N ALA D 61 38.83 6.38 12.89
CA ALA D 61 37.50 6.77 12.45
C ALA D 61 36.61 5.55 12.34
N LEU D 62 35.35 5.77 12.68
CA LEU D 62 34.34 4.72 12.62
C LEU D 62 33.08 5.27 12.01
N LEU D 63 32.68 4.66 10.89
CA LEU D 63 31.38 4.98 10.25
C LEU D 63 30.36 3.90 10.59
N VAL D 64 29.19 4.30 11.11
CA VAL D 64 28.06 3.42 11.36
C VAL D 64 27.04 3.84 10.30
N ALA D 65 26.70 2.93 9.40
CA ALA D 65 25.73 3.27 8.33
C ALA D 65 24.49 2.39 8.41
N PHE D 66 23.31 2.99 8.46
CA PHE D 66 22.06 2.22 8.48
C PHE D 66 21.62 2.11 7.03
N ILE D 67 21.56 0.88 6.53
CA ILE D 67 21.24 0.71 5.11
C ILE D 67 20.14 -0.32 4.93
N SER D 68 19.91 -0.69 3.68
CA SER D 68 18.83 -1.57 3.32
C SER D 68 19.32 -2.41 2.09
N ASN D 69 18.68 -3.54 1.85
CA ASN D 69 18.94 -4.28 0.63
C ASN D 69 18.10 -3.82 -0.58
N ARG D 70 17.05 -3.04 -0.39
CA ARG D 70 16.17 -2.75 -1.55
C ARG D 70 15.88 -1.25 -1.70
N CYS D 71 15.99 -0.47 -0.63
CA CYS D 71 15.75 0.99 -0.75
C CYS D 71 16.51 1.61 -1.99
N PRO D 72 15.77 2.27 -2.93
CA PRO D 72 16.34 2.93 -4.14
C PRO D 72 17.43 3.93 -3.79
N PHE D 73 17.30 4.57 -2.61
CA PHE D 73 18.36 5.52 -2.20
C PHE D 73 19.64 4.80 -1.80
N VAL D 74 19.55 3.59 -1.24
CA VAL D 74 20.78 2.83 -0.99
C VAL D 74 21.29 2.15 -2.29
N VAL D 75 20.36 1.63 -3.07
CA VAL D 75 20.73 0.98 -4.34
C VAL D 75 21.62 1.91 -5.18
N LEU D 76 21.27 3.19 -5.18
CA LEU D 76 22.01 4.22 -5.94
C LEU D 76 23.50 4.24 -5.55
N ILE D 77 23.77 4.01 -4.26
CA ILE D 77 25.08 4.26 -3.61
C ILE D 77 25.87 2.97 -3.35
N ARG D 78 25.25 1.82 -3.65
CA ARG D 78 25.84 0.61 -3.27
C ARG D 78 27.24 0.30 -3.71
N GLU D 79 27.48 0.42 -5.02
CA GLU D 79 28.80 0.14 -5.55
C GLU D 79 29.80 1.09 -4.96
N ALA D 80 29.40 2.36 -4.96
CA ALA D 80 30.27 3.41 -4.47
C ALA D 80 30.60 3.20 -2.98
N LEU D 81 29.70 2.66 -2.22
CA LEU D 81 29.94 2.50 -0.76
C LEU D 81 30.94 1.35 -0.55
N ALA D 82 30.78 0.27 -1.34
CA ALA D 82 31.74 -0.82 -1.22
C ALA D 82 33.12 -0.29 -1.66
N LYS D 83 33.18 0.46 -2.76
CA LYS D 83 34.50 1.01 -3.20
C LYS D 83 35.11 2.00 -2.15
N PHE D 84 34.25 2.86 -1.63
CA PHE D 84 34.66 3.83 -0.56
C PHE D 84 35.25 3.09 0.67
N ALA D 85 34.54 2.09 1.18
CA ALA D 85 35.06 1.46 2.41
C ALA D 85 36.36 0.69 2.13
N GLY D 86 36.42 0.04 0.96
CA GLY D 86 37.67 -0.58 0.43
C GLY D 86 38.81 0.43 0.26
N ASP D 87 38.55 1.61 -0.28
CA ASP D 87 39.61 2.61 -0.43
C ASP D 87 40.22 2.98 0.96
N TYR D 88 39.40 2.97 2.02
CA TYR D 88 39.91 3.45 3.32
C TYR D 88 40.36 2.34 4.29
N ALA D 89 40.19 1.08 3.87
CA ALA D 89 40.63 -0.06 4.68
C ALA D 89 42.14 -0.02 4.72
N GLY D 90 42.67 -0.09 5.90
CA GLY D 90 44.11 0.08 6.02
C GLY D 90 44.53 1.54 6.13
N GLN D 91 43.62 2.51 5.94
CA GLN D 91 43.97 3.91 6.23
C GLN D 91 43.43 4.41 7.58
N GLY D 92 42.69 3.54 8.30
CA GLY D 92 42.26 3.84 9.66
C GLY D 92 40.75 4.07 9.79
N LEU D 93 40.00 3.89 8.72
CA LEU D 93 38.50 3.86 8.78
C LEU D 93 37.92 2.45 9.00
N ALA D 94 37.08 2.29 10.01
CA ALA D 94 36.28 1.09 10.15
C ALA D 94 34.89 1.48 9.70
N VAL D 95 34.22 0.57 8.95
CA VAL D 95 32.83 0.84 8.54
C VAL D 95 32.01 -0.29 9.09
N VAL D 96 30.89 0.02 9.71
CA VAL D 96 29.93 -1.01 10.12
C VAL D 96 28.56 -0.66 9.53
N ALA D 97 27.96 -1.56 8.76
CA ALA D 97 26.65 -1.29 8.19
C ALA D 97 25.64 -2.11 8.92
N ILE D 98 24.44 -1.60 9.05
CA ILE D 98 23.41 -2.22 9.88
C ILE D 98 22.10 -2.21 9.11
N ASN D 99 21.40 -3.33 9.04
CA ASN D 99 20.08 -3.38 8.39
C ASN D 99 19.06 -3.57 9.52
N SER D 100 18.30 -2.53 9.83
CA SER D 100 17.39 -2.56 10.93
C SER D 100 15.97 -2.79 10.49
N ASN D 101 15.77 -2.93 9.18
CA ASN D 101 14.39 -3.05 8.68
C ASN D 101 13.63 -4.32 9.08
N ASP D 102 12.33 -4.15 9.34
CA ASP D 102 11.44 -5.30 9.68
C ASP D 102 11.35 -6.35 8.57
N ALA D 103 11.99 -7.48 8.79
CA ALA D 103 12.11 -8.48 7.74
C ALA D 103 10.91 -9.42 7.61
N GLN D 104 9.95 -9.38 8.53
CA GLN D 104 8.62 -10.05 8.30
C GLN D 104 7.82 -9.27 7.25
N ALA D 105 7.73 -7.95 7.45
CA ALA D 105 7.08 -7.07 6.49
C ALA D 105 7.91 -6.84 5.18
N PHE D 106 9.25 -6.90 5.25
CA PHE D 106 10.06 -6.82 4.04
C PHE D 106 11.06 -7.98 3.98
N PRO D 107 10.66 -9.12 3.35
CA PRO D 107 11.51 -10.31 3.36
C PRO D 107 12.83 -10.10 2.63
N GLU D 108 12.94 -9.09 1.78
CA GLU D 108 14.26 -8.84 1.18
C GLU D 108 15.29 -8.33 2.22
N GLU D 109 14.83 -8.03 3.44
CA GLU D 109 15.70 -7.49 4.51
C GLU D 109 16.15 -8.55 5.55
N THR D 110 16.04 -9.85 5.25
CA THR D 110 16.40 -10.84 6.29
C THR D 110 17.92 -10.84 6.47
N LEU D 111 18.38 -11.43 7.58
CA LEU D 111 19.82 -11.58 7.82
C LEU D 111 20.43 -12.44 6.70
N GLU D 112 19.69 -13.48 6.32
CA GLU D 112 20.13 -14.25 5.17
C GLU D 112 20.31 -13.42 3.89
N ARG D 113 19.36 -12.55 3.55
CA ARG D 113 19.58 -11.65 2.40
C ARG D 113 20.69 -10.61 2.63
N VAL D 114 20.88 -10.20 3.89
CA VAL D 114 22.06 -9.35 4.21
C VAL D 114 23.35 -10.09 3.85
N GLY D 115 23.47 -11.39 4.21
CA GLY D 115 24.62 -12.20 3.78
C GLY D 115 24.78 -12.28 2.26
N ALA D 116 23.67 -12.47 1.54
CA ALA D 116 23.70 -12.57 0.08
C ALA D 116 24.11 -11.22 -0.50
N GLU D 117 23.67 -10.12 0.13
CA GLU D 117 24.08 -8.76 -0.35
C GLU D 117 25.62 -8.58 -0.24
N VAL D 118 26.21 -8.95 0.88
CA VAL D 118 27.63 -8.75 1.01
C VAL D 118 28.38 -9.47 -0.19
N LYS D 119 27.96 -10.71 -0.47
CA LYS D 119 28.62 -11.49 -1.55
C LYS D 119 28.32 -10.84 -2.92
N ALA D 120 27.08 -10.41 -3.19
CA ALA D 120 26.74 -9.84 -4.51
C ALA D 120 27.41 -8.48 -4.79
N TYR D 121 27.54 -7.64 -3.77
CA TYR D 121 28.13 -6.33 -4.01
C TYR D 121 29.54 -6.14 -3.46
N GLY D 122 30.18 -7.21 -3.01
CA GLY D 122 31.59 -7.12 -2.57
C GLY D 122 31.81 -6.15 -1.37
N TYR D 123 30.87 -6.17 -0.43
CA TYR D 123 31.04 -5.35 0.81
C TYR D 123 32.18 -5.97 1.67
N GLY D 124 33.29 -5.28 1.85
CA GLY D 124 34.29 -5.85 2.69
C GLY D 124 34.06 -5.47 4.18
N PHE D 125 33.09 -4.60 4.43
CA PHE D 125 32.78 -4.19 5.82
C PHE D 125 31.74 -5.12 6.42
N PRO D 126 31.70 -5.24 7.78
CA PRO D 126 30.63 -6.08 8.32
C PRO D 126 29.25 -5.44 8.05
N TYR D 127 28.32 -6.25 7.57
CA TYR D 127 26.96 -5.76 7.32
C TYR D 127 26.09 -6.64 8.23
N LEU D 128 25.46 -6.00 9.24
CA LEU D 128 24.87 -6.71 10.41
C LEU D 128 23.35 -6.52 10.45
N LYS D 129 22.63 -7.45 11.06
CA LYS D 129 21.20 -7.28 11.21
C LYS D 129 20.83 -6.80 12.61
N ASP D 130 19.98 -5.74 12.71
CA ASP D 130 19.46 -5.19 14.02
C ASP D 130 17.98 -5.63 14.20
N ALA D 131 17.76 -6.89 14.60
CA ALA D 131 16.42 -7.46 14.54
C ALA D 131 15.40 -6.74 15.43
N SER D 132 15.80 -6.39 16.65
CA SER D 132 14.89 -5.72 17.60
C SER D 132 14.75 -4.22 17.33
N GLN D 133 15.65 -3.68 16.47
CA GLN D 133 15.65 -2.25 16.11
C GLN D 133 16.14 -1.41 17.25
N SER D 134 16.56 -2.03 18.35
CA SER D 134 17.09 -1.24 19.49
C SER D 134 18.31 -0.35 19.08
N VAL D 135 19.16 -0.86 18.20
CA VAL D 135 20.30 -0.03 17.82
C VAL D 135 19.95 1.19 16.93
N ALA D 136 19.11 1.03 15.90
CA ALA D 136 18.64 2.18 15.11
C ALA D 136 18.00 3.24 16.05
N LYS D 137 17.23 2.76 17.04
CA LYS D 137 16.60 3.68 18.00
C LYS D 137 17.62 4.39 18.85
N ALA D 138 18.62 3.67 19.35
CA ALA D 138 19.68 4.30 20.17
C ALA D 138 20.47 5.29 19.35
N TYR D 139 20.68 5.00 18.05
CA TYR D 139 21.43 5.96 17.24
C TYR D 139 20.60 7.15 16.82
N GLY D 140 19.32 7.01 16.86
CA GLY D 140 18.45 8.01 16.30
C GLY D 140 18.41 7.96 14.78
N ALA D 141 18.61 6.77 14.20
CA ALA D 141 18.52 6.63 12.76
C ALA D 141 17.06 6.70 12.33
N ALA D 142 16.83 7.32 11.16
CA ALA D 142 15.47 7.58 10.68
C ALA D 142 15.22 7.03 9.28
N CYS D 143 16.30 6.95 8.49
CA CYS D 143 16.14 6.52 7.11
C CYS D 143 17.30 5.64 6.62
N THR D 144 17.15 5.09 5.40
CA THR D 144 18.25 4.33 4.82
C THR D 144 18.58 5.09 3.51
N PRO D 145 19.83 5.52 3.30
CA PRO D 145 21.04 5.38 4.15
C PRO D 145 21.11 6.48 5.18
N ASP D 146 21.63 6.20 6.36
CA ASP D 146 21.83 7.23 7.38
C ASP D 146 23.25 7.07 7.87
N PHE D 147 24.15 8.03 7.66
CA PHE D 147 25.58 7.85 7.98
C PHE D 147 26.00 8.59 9.26
N PHE D 148 26.70 7.94 10.21
CA PHE D 148 27.14 8.59 11.49
C PHE D 148 28.62 8.34 11.53
N LEU D 149 29.45 9.37 11.37
CA LEU D 149 30.88 9.21 11.50
C LEU D 149 31.39 9.70 12.85
N TYR D 150 32.25 8.86 13.43
CA TYR D 150 32.76 9.10 14.76
C TYR D 150 34.25 9.22 14.67
N ASP D 151 34.83 9.97 15.56
CA ASP D 151 36.25 10.16 15.68
C ASP D 151 36.95 9.17 16.65
N ARG D 152 38.19 9.45 16.97
CA ARG D 152 39.00 8.65 17.81
C ARG D 152 38.35 8.51 19.18
N GLU D 153 37.71 9.56 19.64
CA GLU D 153 37.06 9.61 20.91
C GLU D 153 35.66 9.05 20.84
N ARG D 154 35.26 8.60 19.66
CA ARG D 154 33.94 8.06 19.41
C ARG D 154 32.88 9.10 19.66
N ARG D 155 33.14 10.33 19.25
CA ARG D 155 32.09 11.33 19.28
C ARG D 155 31.65 11.59 17.81
N LEU D 156 30.37 11.85 17.59
CA LEU D 156 29.81 12.14 16.28
C LEU D 156 30.37 13.40 15.66
N VAL D 157 30.99 13.28 14.50
CA VAL D 157 31.62 14.45 13.85
C VAL D 157 31.00 14.77 12.49
N TYR D 158 30.26 13.81 11.90
CA TYR D 158 29.58 14.08 10.66
C TYR D 158 28.35 13.17 10.65
N HIS D 159 27.21 13.75 10.31
CA HIS D 159 26.01 12.97 10.22
C HIS D 159 25.27 13.58 9.04
N GLY D 160 25.08 12.81 7.96
CA GLY D 160 24.51 13.44 6.77
C GLY D 160 24.77 12.65 5.51
N GLN D 161 24.62 13.33 4.38
CA GLN D 161 24.60 12.66 3.08
C GLN D 161 25.99 12.07 2.70
N PHE D 162 25.93 11.02 1.91
CA PHE D 162 27.15 10.46 1.25
C PHE D 162 27.70 11.44 0.25
N ASP D 163 26.77 11.99 -0.57
CA ASP D 163 27.12 13.09 -1.49
C ASP D 163 25.81 13.64 -1.99
N ASP D 164 25.84 14.48 -3.04
CA ASP D 164 24.62 15.13 -3.53
C ASP D 164 23.74 14.26 -4.47
N ALA D 165 24.21 13.07 -4.86
CA ALA D 165 23.50 12.23 -5.84
C ALA D 165 22.22 11.78 -5.17
N ARG D 166 21.14 11.76 -5.95
CA ARG D 166 19.79 11.21 -5.52
C ARG D 166 19.26 10.39 -6.66
N PRO D 167 18.37 9.43 -6.40
CA PRO D 167 17.89 8.65 -7.58
C PRO D 167 17.22 9.57 -8.61
N GLY D 168 17.61 9.52 -9.88
CA GLY D 168 16.96 10.37 -10.87
C GLY D 168 17.46 11.80 -10.97
N ASN D 169 18.44 12.24 -10.14
CA ASN D 169 18.81 13.66 -10.21
C ASN D 169 20.03 13.89 -11.12
N GLY D 170 20.55 12.83 -11.72
CA GLY D 170 21.60 13.05 -12.72
C GLY D 170 23.01 13.19 -12.19
N LYS D 171 23.19 13.41 -10.86
CA LYS D 171 24.56 13.60 -10.29
C LYS D 171 25.35 12.33 -10.16
N ASP D 172 26.65 12.36 -10.39
CA ASP D 172 27.46 11.13 -10.22
C ASP D 172 27.58 10.82 -8.72
N VAL D 173 27.65 9.54 -8.38
CA VAL D 173 27.80 9.06 -6.99
C VAL D 173 29.30 9.02 -6.72
N THR D 174 29.79 9.98 -5.94
CA THR D 174 31.22 10.11 -5.66
C THR D 174 31.57 9.85 -4.15
N GLY D 175 30.60 9.91 -3.23
CA GLY D 175 30.95 9.92 -1.78
C GLY D 175 31.78 11.10 -1.34
N ALA D 176 31.85 12.17 -2.17
CA ALA D 176 32.68 13.36 -1.91
C ALA D 176 32.48 13.95 -0.50
N ASP D 177 31.24 14.08 0.00
CA ASP D 177 31.00 14.73 1.28
C ASP D 177 31.50 13.85 2.41
N LEU D 178 31.15 12.57 2.36
CA LEU D 178 31.58 11.67 3.36
C LEU D 178 33.10 11.44 3.26
N ARG D 179 33.65 11.31 2.05
CA ARG D 179 35.13 11.19 1.93
C ARG D 179 35.90 12.34 2.56
N ALA D 180 35.45 13.54 2.29
CA ALA D 180 36.06 14.71 2.90
C ALA D 180 36.02 14.69 4.44
N ALA D 181 34.90 14.29 5.00
CA ALA D 181 34.76 14.14 6.48
C ALA D 181 35.74 13.11 7.00
N VAL D 182 35.80 11.93 6.32
CA VAL D 182 36.76 10.91 6.74
C VAL D 182 38.24 11.40 6.67
N ASP D 183 38.63 12.04 5.55
CA ASP D 183 39.95 12.64 5.41
C ASP D 183 40.32 13.59 6.57
N ALA D 184 39.39 14.48 6.89
CA ALA D 184 39.64 15.48 7.96
C ALA D 184 39.80 14.73 9.29
N VAL D 185 38.94 13.73 9.59
CA VAL D 185 39.11 12.94 10.86
C VAL D 185 40.49 12.26 10.86
N LEU D 186 40.84 11.62 9.72
CA LEU D 186 42.06 10.86 9.73
C LEU D 186 43.30 11.80 9.85
N LYS D 187 43.22 13.03 9.29
CA LYS D 187 44.28 14.00 9.39
C LYS D 187 44.27 14.78 10.70
N GLY D 188 43.27 14.59 11.55
CA GLY D 188 43.18 15.35 12.79
C GLY D 188 42.68 16.78 12.58
N LYS D 189 42.02 17.03 11.45
CA LYS D 189 41.43 18.35 11.20
C LYS D 189 39.94 18.33 11.58
N ASP D 190 39.30 19.51 11.58
CA ASP D 190 37.84 19.61 11.86
C ASP D 190 37.11 19.30 10.54
N VAL D 191 36.02 18.58 10.70
CA VAL D 191 35.15 18.22 9.60
C VAL D 191 34.45 19.50 9.11
N GLY D 192 34.27 19.62 7.79
CA GLY D 192 33.44 20.73 7.21
C GLY D 192 32.09 20.92 7.94
N THR D 193 31.71 22.19 8.12
CA THR D 193 30.56 22.50 8.97
C THR D 193 29.22 22.37 8.20
N THR D 194 29.24 22.38 6.86
CA THR D 194 27.98 22.14 6.09
C THR D 194 27.76 20.67 5.98
N GLN D 195 26.68 20.22 6.62
CA GLN D 195 26.33 18.83 6.67
C GLN D 195 24.86 18.69 6.25
N VAL D 196 24.63 18.25 5.01
CA VAL D 196 23.26 18.16 4.46
C VAL D 196 22.68 16.87 4.94
N PRO D 197 21.44 16.92 5.44
CA PRO D 197 20.87 15.64 5.86
C PRO D 197 20.73 14.66 4.72
N SER D 198 20.93 13.36 5.03
CA SER D 198 20.71 12.29 4.11
C SER D 198 19.17 12.19 3.88
N ILE D 199 18.71 11.65 2.74
CA ILE D 199 17.27 11.34 2.48
C ILE D 199 17.22 9.89 2.11
N GLY D 200 16.17 9.21 2.49
CA GLY D 200 15.99 7.85 1.96
C GLY D 200 14.66 7.29 2.36
N CYS D 201 14.47 5.97 2.27
CA CYS D 201 13.23 5.37 2.73
C CYS D 201 13.28 5.35 4.24
N ASN D 202 12.15 5.58 4.91
CA ASN D 202 12.10 5.47 6.39
C ASN D 202 12.58 4.06 6.78
N ILE D 203 13.33 3.95 7.88
CA ILE D 203 13.48 2.66 8.53
C ILE D 203 12.11 1.99 8.69
N LYS D 204 12.00 0.72 8.27
CA LYS D 204 10.72 0.00 8.37
C LYS D 204 10.53 -0.57 9.81
N TRP D 205 10.05 0.29 10.71
CA TRP D 205 9.82 -0.03 12.10
C TRP D 205 8.79 -1.15 12.24
N THR D 206 9.05 -2.14 13.08
CA THR D 206 8.05 -3.17 13.30
C THR D 206 6.82 -2.45 13.93
N ALA D 207 5.60 -2.89 13.56
CA ALA D 207 4.38 -2.24 14.06
C ALA D 207 4.42 -2.10 15.58
N GLY D 208 4.16 -0.90 16.08
CA GLY D 208 4.25 -0.67 17.50
C GLY D 208 5.65 -0.58 18.08
N ASN D 209 6.68 -0.45 17.23
CA ASN D 209 7.97 0.24 17.56
C ASN D 209 7.80 1.60 16.88
#